data_5NUZ
#
_entry.id   5NUZ
#
_cell.length_a   97.090
_cell.length_b   101.910
_cell.length_c   147.760
_cell.angle_alpha   90.000
_cell.angle_beta   90.000
_cell.angle_gamma   90.000
#
_symmetry.space_group_name_H-M   'P 21 21 21'
#
loop_
_entity.id
_entity.type
_entity.pdbx_description
1 polymer 'eOD01 heavy chain'
2 polymer 'eOD01 light chain'
3 polymer 'Pre-glycoprotein polyprotein GP complex'
4 branched alpha-D-mannopyranose-(1-3)-alpha-D-mannopyranose-(1-6)-[alpha-D-mannopyranose-(1-3)]beta-D-mannopyranose-(1-4)-2-acetamido-2-deoxy-beta-D-glucopyranose-(1-4)-2-acetamido-2-deoxy-beta-D-glucopyranose
5 branched alpha-D-mannopyranose-(1-2)-alpha-D-mannopyranose-(1-6)-[alpha-D-mannopyranose-(1-3)]alpha-D-mannopyranose-(1-6)-[alpha-D-mannopyranose-(1-2)-alpha-D-mannopyranose-(1-3)]beta-D-mannopyranose-(1-4)-2-acetamido-2-deoxy-beta-D-glucopyranose-(1-4)-2-acetamido-2-deoxy-beta-D-glucopyranose
6 non-polymer GLYCEROL
7 non-polymer 'ISOPROPYL ALCOHOL'
8 non-polymer 2-acetamido-2-deoxy-beta-D-glucopyranose
9 water water
#
loop_
_entity_poly.entity_id
_entity_poly.type
_entity_poly.pdbx_seq_one_letter_code
_entity_poly.pdbx_strand_id
1 'polypeptide(L)'
;ETGEVQLQQSGTVLARPGASVKMSCKASGYTFTSYWMHWIKQRPGQGLEWIGAIYPGDSDTKYNQKFKGKAKLTAVTSTS
TAYMELSSLTNEDSAVYYCTRRNTLTGDYFDYWGQGTTLTVSSAKTTPPSVYPLAPGSAAQTNSMVTLGCLVKGYFPEPV
TVTWNSGSLSSGVHTFPAVLQSDLYTLSSSVTVPSSTWPSETVTCNVAHPASSTKVDKKIVPRDCHHHHHH
;
A,H
2 'polypeptide(L)'
;ETGDIVLTQSPASLAVSLGQRATISCRASESVDDYGISFMNWFQQKPGQPPKLLIYTASSQGSGVPARFSGSGSGTDFSL
NIHPMEEDDTAMYFCQQSKEVPYTFGGGTKLEIKRADAAPTVSIFPPSSEQLTSGGASVVCFLNNFYPKDINVKWKIDGS
ERQNGVLNSWTDQDSKDSTYSMSSTLTLTKDEYERHNSYTCEATHKTSTSPIVKSFNRNEC
;
B,L
3 'polypeptide(L)'
;ETGDLPLLCTLNKSHLYIKGGNASFQISFDDIAVLLPQYDVIIQHPADMSWCSKSDDQIWLSQWFMNAVGHDWHLDPPFL
CRNRTKTEGFIFQVNTSKTGVNENYAKKFKTGMHHLYREYPDSCLNGKLCLMKAQPTSWPLQCPLDHVNKHHHHHH
;
C,D
#
# COMPACT_ATOMS: atom_id res chain seq x y z
N GLU A 4 -1.85 9.46 -16.04
CA GLU A 4 -1.03 9.13 -14.83
C GLU A 4 0.46 9.17 -15.19
N VAL A 5 1.24 9.94 -14.45
CA VAL A 5 2.62 10.21 -14.83
C VAL A 5 3.47 8.97 -14.59
N GLN A 6 4.19 8.54 -15.62
CA GLN A 6 5.09 7.41 -15.51
C GLN A 6 6.40 7.69 -16.23
N LEU A 7 7.50 7.30 -15.61
CA LEU A 7 8.82 7.38 -16.19
C LEU A 7 9.38 5.98 -16.20
N GLN A 8 9.63 5.44 -17.39
CA GLN A 8 10.06 4.05 -17.56
C GLN A 8 11.49 4.05 -18.07
N GLN A 9 12.43 3.60 -17.23
CA GLN A 9 13.83 3.53 -17.61
C GLN A 9 14.20 2.20 -18.25
N SER A 10 15.29 2.22 -19.00
CA SER A 10 15.82 1.04 -19.64
C SER A 10 16.47 0.10 -18.62
N GLY A 11 16.70 -1.15 -19.06
CA GLY A 11 17.14 -2.21 -18.18
C GLY A 11 18.59 -2.13 -17.77
N THR A 12 18.94 -3.02 -16.86
CA THR A 12 20.31 -3.11 -16.37
C THR A 12 21.30 -3.23 -17.51
N VAL A 13 22.41 -2.53 -17.38
CA VAL A 13 23.43 -2.55 -18.40
C VAL A 13 24.80 -2.89 -17.77
N LEU A 14 25.53 -3.75 -18.46
CA LEU A 14 26.89 -4.13 -18.11
C LEU A 14 27.80 -3.52 -19.16
N ALA A 15 28.90 -2.93 -18.71
CA ALA A 15 29.84 -2.30 -19.62
C ALA A 15 31.25 -2.53 -19.12
N ARG A 16 32.19 -2.51 -20.05
CA ARG A 16 33.60 -2.69 -19.73
C ARG A 16 34.22 -1.34 -19.41
N PRO A 17 35.27 -1.31 -18.56
CA PRO A 17 36.00 -0.07 -18.33
C PRO A 17 36.48 0.54 -19.65
N GLY A 18 36.36 1.87 -19.79
CA GLY A 18 36.71 2.57 -21.01
C GLY A 18 35.60 2.67 -22.04
N ALA A 19 34.56 1.86 -21.92
CA ALA A 19 33.45 1.90 -22.88
C ALA A 19 32.52 3.09 -22.61
N SER A 20 31.51 3.22 -23.47
CA SER A 20 30.43 4.19 -23.29
C SER A 20 29.14 3.40 -23.18
N VAL A 21 28.14 4.00 -22.56
CA VAL A 21 26.82 3.39 -22.46
C VAL A 21 25.77 4.49 -22.59
N LYS A 22 24.64 4.17 -23.19
CA LYS A 22 23.51 5.09 -23.29
C LYS A 22 22.30 4.43 -22.68
N MET A 23 21.63 5.13 -21.77
CA MET A 23 20.42 4.64 -21.13
C MET A 23 19.27 5.61 -21.40
N SER A 24 18.04 5.13 -21.25
CA SER A 24 16.88 5.88 -21.66
C SER A 24 15.84 5.96 -20.58
N CYS A 25 14.96 6.94 -20.74
CA CYS A 25 13.88 7.21 -19.81
C CYS A 25 12.68 7.67 -20.63
N LYS A 26 11.67 6.80 -20.74
CA LYS A 26 10.46 7.10 -21.52
C LYS A 26 9.37 7.67 -20.62
N ALA A 27 8.91 8.87 -20.96
CA ALA A 27 7.89 9.59 -20.18
C ALA A 27 6.50 9.41 -20.79
N SER A 28 5.50 9.27 -19.93
CA SER A 28 4.11 9.30 -20.35
C SER A 28 3.21 9.93 -19.28
N GLY A 29 2.04 10.36 -19.74
CA GLY A 29 1.02 10.95 -18.87
C GLY A 29 1.14 12.43 -18.63
N TYR A 30 2.04 13.12 -19.33
CA TYR A 30 2.16 14.56 -19.22
C TYR A 30 2.86 15.11 -20.45
N THR A 31 2.87 16.43 -20.58
CA THR A 31 3.51 17.09 -21.72
C THR A 31 5.03 17.11 -21.53
N PHE A 32 5.70 16.21 -22.24
CA PHE A 32 7.14 15.97 -22.14
C PHE A 32 7.99 17.23 -22.34
N THR A 33 7.56 18.09 -23.26
CA THR A 33 8.30 19.29 -23.62
C THR A 33 8.11 20.47 -22.65
N SER A 34 7.28 20.31 -21.62
CA SER A 34 7.00 21.39 -20.67
C SER A 34 7.80 21.30 -19.36
N TYR A 35 8.69 20.31 -19.21
CA TYR A 35 9.36 20.07 -17.92
C TYR A 35 10.80 19.70 -18.15
N TRP A 36 11.66 20.15 -17.25
CA TRP A 36 13.03 19.70 -17.24
C TRP A 36 13.08 18.26 -16.71
N MET A 37 13.84 17.40 -17.40
CA MET A 37 14.09 16.04 -16.96
C MET A 37 15.49 16.00 -16.35
N HIS A 38 15.57 15.56 -15.10
CA HIS A 38 16.84 15.56 -14.36
C HIS A 38 17.33 14.14 -14.19
N TRP A 39 18.64 14.00 -14.04
CA TRP A 39 19.26 12.72 -13.84
C TRP A 39 20.05 12.73 -12.54
N ILE A 40 19.98 11.62 -11.81
CA ILE A 40 20.50 11.48 -10.45
C ILE A 40 21.30 10.17 -10.36
N LYS A 41 22.44 10.21 -9.68
CA LYS A 41 23.29 9.05 -9.47
C LYS A 41 23.26 8.61 -8.01
N GLN A 42 23.15 7.30 -7.79
CA GLN A 42 23.20 6.72 -6.46
C GLN A 42 24.12 5.52 -6.42
N ARG A 43 25.26 5.67 -5.74
CA ARG A 43 26.23 4.56 -5.65
C ARG A 43 25.82 3.57 -4.56
N PRO A 44 26.23 2.27 -4.69
CA PRO A 44 25.73 1.23 -3.79
C PRO A 44 25.92 1.56 -2.31
N GLY A 45 24.82 1.68 -1.57
CA GLY A 45 24.84 2.08 -0.17
C GLY A 45 25.11 3.56 0.13
N GLN A 46 25.04 4.41 -0.88
N GLN A 46 25.04 4.41 -0.88
CA GLN A 46 25.38 5.84 -0.75
CA GLN A 46 25.38 5.84 -0.75
C GLN A 46 24.14 6.74 -0.99
C GLN A 46 24.14 6.74 -0.99
N GLY A 47 24.36 8.05 -0.86
CA GLY A 47 23.34 9.03 -1.10
C GLY A 47 23.15 9.34 -2.57
N LEU A 48 22.62 10.53 -2.83
CA LEU A 48 22.14 10.92 -4.15
C LEU A 48 22.97 12.09 -4.65
N GLU A 49 23.35 12.04 -5.91
CA GLU A 49 24.13 13.09 -6.52
C GLU A 49 23.48 13.57 -7.82
N TRP A 50 23.34 14.88 -7.96
CA TRP A 50 22.72 15.47 -9.15
C TRP A 50 23.69 15.51 -10.33
N ILE A 51 23.27 14.99 -11.48
CA ILE A 51 24.10 14.95 -12.68
C ILE A 51 23.87 16.15 -13.59
N GLY A 52 22.61 16.36 -13.93
CA GLY A 52 22.25 17.41 -14.86
C GLY A 52 20.81 17.26 -15.31
N ALA A 53 20.44 18.04 -16.32
CA ALA A 53 19.07 18.10 -16.76
C ALA A 53 18.97 18.55 -18.22
N ILE A 54 17.87 18.15 -18.85
CA ILE A 54 17.55 18.58 -20.20
C ILE A 54 16.13 19.12 -20.24
N TYR A 55 15.91 20.15 -21.06
CA TYR A 55 14.58 20.66 -21.32
C TYR A 55 14.21 20.22 -22.72
N PRO A 56 13.36 19.18 -22.85
CA PRO A 56 13.16 18.62 -24.19
C PRO A 56 12.50 19.57 -25.19
N GLY A 57 11.73 20.53 -24.70
CA GLY A 57 11.09 21.55 -25.54
C GLY A 57 12.01 22.35 -26.44
N ASP A 58 13.23 22.60 -26.01
CA ASP A 58 14.22 23.32 -26.83
C ASP A 58 15.66 22.79 -26.79
N SER A 59 15.87 21.59 -26.24
CA SER A 59 17.19 20.97 -26.10
C SER A 59 18.18 21.66 -25.16
N ASP A 60 17.72 22.59 -24.34
CA ASP A 60 18.59 23.24 -23.37
C ASP A 60 19.06 22.19 -22.35
N THR A 61 20.33 22.28 -21.92
CA THR A 61 20.91 21.36 -20.95
C THR A 61 21.67 22.11 -19.86
N LYS A 62 21.73 21.49 -18.68
CA LYS A 62 22.52 21.98 -17.54
C LYS A 62 23.27 20.79 -16.99
N TYR A 63 24.49 21.02 -16.52
CA TYR A 63 25.30 19.95 -15.94
C TYR A 63 25.91 20.36 -14.62
N ASN A 64 25.99 19.41 -13.70
CA ASN A 64 26.85 19.52 -12.52
C ASN A 64 28.28 19.54 -13.07
N GLN A 65 29.09 20.50 -12.60
CA GLN A 65 30.51 20.59 -13.02
C GLN A 65 31.23 19.23 -12.90
N LYS A 66 30.91 18.47 -11.86
CA LYS A 66 31.48 17.13 -11.63
C LYS A 66 31.23 16.11 -12.76
N PHE A 67 30.18 16.31 -13.56
CA PHE A 67 29.83 15.39 -14.64
C PHE A 67 30.04 15.92 -16.06
N LYS A 68 30.56 17.15 -16.21
CA LYS A 68 30.91 17.66 -17.54
C LYS A 68 32.02 16.79 -18.14
N GLY A 69 31.81 16.33 -19.37
CA GLY A 69 32.69 15.37 -20.01
C GLY A 69 32.44 13.90 -19.66
N LYS A 70 31.67 13.62 -18.60
CA LYS A 70 31.28 12.26 -18.23
C LYS A 70 29.91 11.93 -18.81
N ALA A 71 28.94 12.82 -18.61
CA ALA A 71 27.55 12.61 -19.04
C ALA A 71 27.17 13.52 -20.20
N LYS A 72 26.39 12.97 -21.14
CA LYS A 72 25.80 13.75 -22.20
C LYS A 72 24.28 13.46 -22.25
N LEU A 73 23.48 14.52 -22.13
CA LEU A 73 22.02 14.38 -22.11
C LEU A 73 21.40 14.79 -23.45
N THR A 74 20.49 13.97 -23.95
CA THR A 74 19.74 14.26 -25.19
C THR A 74 18.29 13.86 -24.99
N ALA A 75 17.46 14.22 -25.97
CA ALA A 75 16.04 13.88 -25.95
C ALA A 75 15.51 13.67 -27.37
N VAL A 76 14.53 12.79 -27.49
CA VAL A 76 13.79 12.61 -28.73
C VAL A 76 12.35 12.92 -28.37
N THR A 77 11.88 14.08 -28.82
CA THR A 77 10.52 14.52 -28.50
C THR A 77 9.45 13.70 -29.20
N SER A 78 9.74 13.12 -30.37
CA SER A 78 8.75 12.28 -31.07
C SER A 78 8.31 11.04 -30.27
N THR A 79 9.18 10.55 -29.38
CA THR A 79 8.91 9.37 -28.56
C THR A 79 8.86 9.64 -27.05
N SER A 80 8.88 10.91 -26.66
CA SER A 80 8.96 11.34 -25.27
C SER A 80 10.01 10.59 -24.48
N THR A 81 11.22 10.49 -25.04
CA THR A 81 12.31 9.74 -24.43
C THR A 81 13.52 10.62 -24.20
N ALA A 82 14.01 10.60 -22.96
CA ALA A 82 15.25 11.25 -22.61
C ALA A 82 16.35 10.19 -22.55
N TYR A 83 17.56 10.59 -22.89
CA TYR A 83 18.71 9.70 -22.93
C TYR A 83 19.89 10.30 -22.18
N MET A 84 20.67 9.44 -21.54
CA MET A 84 21.93 9.84 -20.93
C MET A 84 23.02 8.89 -21.39
N GLU A 85 24.09 9.47 -21.92
CA GLU A 85 25.27 8.73 -22.35
C GLU A 85 26.41 8.99 -21.38
N LEU A 86 26.99 7.93 -20.83
CA LEU A 86 28.14 8.00 -19.95
C LEU A 86 29.35 7.43 -20.67
N SER A 87 30.45 8.16 -20.69
CA SER A 87 31.65 7.75 -21.45
C SER A 87 32.86 7.52 -20.55
N SER A 88 33.90 6.90 -21.12
CA SER A 88 35.15 6.62 -20.41
C SER A 88 34.91 5.93 -19.07
N LEU A 89 34.16 4.84 -19.11
CA LEU A 89 33.60 4.27 -17.88
C LEU A 89 34.68 3.71 -16.97
N THR A 90 34.52 3.96 -15.66
CA THR A 90 35.35 3.34 -14.63
C THR A 90 34.45 2.69 -13.57
N ASN A 91 35.09 1.99 -12.63
CA ASN A 91 34.41 1.42 -11.47
CA ASN A 91 34.43 1.43 -11.44
C ASN A 91 33.59 2.47 -10.69
N GLU A 92 34.05 3.71 -10.64
CA GLU A 92 33.33 4.79 -9.96
C GLU A 92 31.97 5.12 -10.61
N ASP A 93 31.77 4.70 -11.86
CA ASP A 93 30.49 4.90 -12.55
C ASP A 93 29.43 3.82 -12.26
N SER A 94 29.83 2.70 -11.65
CA SER A 94 28.87 1.66 -11.25
C SER A 94 27.89 2.22 -10.21
N ALA A 95 26.60 2.17 -10.50
CA ALA A 95 25.60 2.90 -9.71
C ALA A 95 24.22 2.65 -10.26
N VAL A 96 23.22 3.12 -9.52
CA VAL A 96 21.86 3.21 -10.02
C VAL A 96 21.67 4.65 -10.49
N TYR A 97 21.12 4.81 -11.69
CA TYR A 97 20.84 6.12 -12.25
C TYR A 97 19.35 6.31 -12.40
N TYR A 98 18.85 7.45 -11.92
CA TYR A 98 17.42 7.79 -12.00
C TYR A 98 17.19 8.98 -12.93
N CYS A 99 16.09 8.95 -13.66
CA CYS A 99 15.57 10.16 -14.31
C CYS A 99 14.41 10.62 -13.44
N THR A 100 14.19 11.92 -13.40
CA THR A 100 13.11 12.47 -12.56
C THR A 100 12.60 13.79 -13.14
N ARG A 101 11.29 14.01 -13.01
CA ARG A 101 10.67 15.22 -13.52
C ARG A 101 10.71 16.33 -12.48
N ARG A 102 11.15 17.52 -12.89
CA ARG A 102 11.15 18.69 -12.03
C ARG A 102 9.86 19.49 -12.22
N ASN A 103 9.17 19.78 -11.12
CA ASN A 103 7.97 20.59 -11.13
C ASN A 103 8.28 21.93 -10.44
N THR A 104 7.67 23.01 -10.89
CA THR A 104 7.95 24.35 -10.36
C THR A 104 6.72 25.06 -9.79
N LEU A 105 5.64 24.32 -9.53
CA LEU A 105 4.44 24.88 -8.93
C LEU A 105 4.59 25.04 -7.42
N THR A 106 4.79 26.27 -7.00
CA THR A 106 4.98 26.66 -5.59
C THR A 106 6.20 25.98 -4.95
N GLY A 107 7.25 25.83 -5.75
CA GLY A 107 8.48 25.18 -5.31
C GLY A 107 9.35 24.78 -6.49
N ASP A 108 10.37 24.01 -6.18
CA ASP A 108 11.24 23.39 -7.19
C ASP A 108 11.50 22.01 -6.62
N TYR A 109 10.88 20.99 -7.23
CA TYR A 109 10.88 19.65 -6.64
C TYR A 109 10.76 18.56 -7.71
N PHE A 110 11.41 17.43 -7.41
CA PHE A 110 11.41 16.24 -8.24
C PHE A 110 10.23 15.36 -7.82
N ASP A 111 9.11 15.50 -8.55
CA ASP A 111 7.85 14.87 -8.13
C ASP A 111 7.64 13.45 -8.59
N TYR A 112 8.12 13.10 -9.78
CA TYR A 112 7.99 11.74 -10.33
C TYR A 112 9.36 11.22 -10.73
N TRP A 113 9.59 9.93 -10.47
CA TRP A 113 10.91 9.31 -10.67
C TRP A 113 10.76 8.03 -11.47
N GLY A 114 11.73 7.78 -12.35
CA GLY A 114 11.90 6.47 -12.95
C GLY A 114 12.31 5.43 -11.92
N GLN A 115 12.25 4.17 -12.32
CA GLN A 115 12.49 3.06 -11.39
C GLN A 115 13.98 2.82 -11.15
N GLY A 116 14.84 3.48 -11.92
CA GLY A 116 16.28 3.32 -11.81
C GLY A 116 16.81 2.36 -12.84
N THR A 117 18.02 2.66 -13.32
CA THR A 117 18.81 1.79 -14.19
C THR A 117 20.13 1.50 -13.50
N THR A 118 20.40 0.22 -13.28
CA THR A 118 21.69 -0.22 -12.76
C THR A 118 22.72 -0.30 -13.89
N LEU A 119 23.85 0.37 -13.67
CA LEU A 119 25.06 0.21 -14.50
C LEU A 119 26.13 -0.51 -13.70
N THR A 120 26.65 -1.60 -14.26
CA THR A 120 27.76 -2.33 -13.64
C THR A 120 28.94 -2.28 -14.59
N VAL A 121 30.03 -1.67 -14.16
CA VAL A 121 31.25 -1.57 -14.93
C VAL A 121 32.20 -2.66 -14.44
N SER A 122 32.52 -3.58 -15.34
CA SER A 122 33.37 -4.72 -14.97
C SER A 122 34.01 -5.33 -16.20
N SER A 123 35.17 -5.96 -15.99
CA SER A 123 35.85 -6.77 -17.02
C SER A 123 35.45 -8.25 -16.97
N ALA A 124 34.60 -8.63 -16.02
CA ALA A 124 34.26 -10.04 -15.81
C ALA A 124 33.41 -10.60 -16.94
N LYS A 125 33.50 -11.91 -17.10
CA LYS A 125 32.73 -12.66 -18.09
C LYS A 125 31.62 -13.39 -17.35
N THR A 126 30.53 -13.66 -18.06
CA THR A 126 29.43 -14.44 -17.50
C THR A 126 29.96 -15.77 -16.98
N THR A 127 29.72 -16.04 -15.70
CA THR A 127 30.25 -17.21 -15.02
C THR A 127 29.18 -17.78 -14.10
N PRO A 128 28.87 -19.11 -14.21
CA PRO A 128 27.89 -19.68 -13.29
C PRO A 128 28.49 -19.89 -11.90
N PRO A 129 27.64 -19.95 -10.87
CA PRO A 129 28.11 -20.13 -9.51
C PRO A 129 28.52 -21.56 -9.22
N SER A 130 29.49 -21.72 -8.33
CA SER A 130 29.64 -22.98 -7.59
C SER A 130 28.72 -22.91 -6.40
N VAL A 131 28.06 -24.02 -6.09
CA VAL A 131 27.12 -24.06 -4.98
C VAL A 131 27.61 -25.12 -4.01
N TYR A 132 27.94 -24.72 -2.79
CA TYR A 132 28.53 -25.60 -1.80
C TYR A 132 27.58 -25.78 -0.62
N PRO A 133 27.33 -27.03 -0.20
CA PRO A 133 26.47 -27.25 0.94
C PRO A 133 27.18 -26.95 2.27
N LEU A 134 26.46 -26.37 3.21
CA LEU A 134 26.97 -26.09 4.55
C LEU A 134 26.15 -26.93 5.55
N ALA A 135 26.78 -27.99 6.04
CA ALA A 135 26.17 -28.88 7.04
C ALA A 135 27.00 -28.76 8.31
N PRO A 136 26.39 -28.93 9.49
CA PRO A 136 27.16 -28.78 10.73
C PRO A 136 28.34 -29.75 10.81
N GLY A 137 29.44 -29.30 11.43
CA GLY A 137 30.61 -30.15 11.68
C GLY A 137 30.34 -31.30 12.63
N SER A 144 18.03 -28.80 19.32
CA SER A 144 16.60 -28.56 19.14
C SER A 144 16.26 -27.99 17.74
N MET A 145 16.91 -26.89 17.38
CA MET A 145 16.89 -26.37 15.99
C MET A 145 18.25 -26.60 15.39
N VAL A 146 18.29 -26.78 14.08
CA VAL A 146 19.55 -26.94 13.36
C VAL A 146 19.55 -25.98 12.18
N THR A 147 20.68 -25.32 11.98
CA THR A 147 20.87 -24.38 10.89
C THR A 147 21.74 -25.04 9.82
N LEU A 148 21.27 -24.96 8.58
CA LEU A 148 22.00 -25.45 7.40
C LEU A 148 22.23 -24.26 6.49
N GLY A 149 23.06 -24.44 5.48
CA GLY A 149 23.31 -23.36 4.57
C GLY A 149 23.80 -23.77 3.22
N CYS A 150 23.95 -22.77 2.37
CA CYS A 150 24.42 -22.93 1.03
CA CYS A 150 24.35 -22.91 0.99
C CYS A 150 25.29 -21.73 0.72
N LEU A 151 26.49 -22.02 0.20
CA LEU A 151 27.45 -20.98 -0.19
C LEU A 151 27.49 -20.93 -1.72
N VAL A 152 27.18 -19.76 -2.28
CA VAL A 152 27.04 -19.59 -3.73
C VAL A 152 28.18 -18.69 -4.17
N LYS A 153 29.16 -19.26 -4.84
CA LYS A 153 30.47 -18.61 -4.99
C LYS A 153 30.92 -18.50 -6.43
N GLY A 154 31.43 -17.33 -6.80
CA GLY A 154 32.16 -17.14 -8.04
C GLY A 154 31.30 -16.98 -9.28
N TYR A 155 30.19 -16.25 -9.18
CA TYR A 155 29.32 -16.01 -10.33
C TYR A 155 29.38 -14.56 -10.81
N PHE A 156 28.97 -14.37 -12.06
CA PHE A 156 28.82 -13.03 -12.65
C PHE A 156 27.87 -13.15 -13.84
N PRO A 157 26.96 -12.20 -14.08
CA PRO A 157 26.67 -11.03 -13.24
C PRO A 157 25.63 -11.37 -12.18
N GLU A 158 25.26 -10.37 -11.37
CA GLU A 158 24.06 -10.48 -10.53
C GLU A 158 22.81 -10.54 -11.42
N PRO A 159 21.70 -11.14 -10.96
CA PRO A 159 21.53 -11.74 -9.64
C PRO A 159 21.53 -13.27 -9.70
N VAL A 160 21.54 -13.87 -8.52
CA VAL A 160 21.11 -15.25 -8.34
C VAL A 160 19.90 -15.23 -7.43
N THR A 161 19.06 -16.25 -7.57
CA THR A 161 17.97 -16.46 -6.63
C THR A 161 18.21 -17.76 -5.90
N VAL A 162 17.92 -17.76 -4.61
CA VAL A 162 18.07 -18.93 -3.76
C VAL A 162 16.72 -19.23 -3.13
N THR A 163 16.30 -20.49 -3.20
CA THR A 163 15.15 -20.98 -2.45
C THR A 163 15.57 -22.26 -1.77
N TRP A 164 14.74 -22.71 -0.83
CA TRP A 164 14.96 -23.95 -0.11
C TRP A 164 13.75 -24.86 -0.31
N ASN A 165 14.00 -26.12 -0.63
CA ASN A 165 12.95 -27.11 -0.96
C ASN A 165 11.91 -26.51 -1.95
N SER A 166 12.44 -25.90 -3.00
CA SER A 166 11.67 -25.31 -4.09
C SER A 166 10.66 -24.25 -3.63
N GLY A 167 11.00 -23.51 -2.59
CA GLY A 167 10.12 -22.47 -2.05
C GLY A 167 9.21 -22.89 -0.90
N SER A 168 9.06 -24.18 -0.67
CA SER A 168 8.17 -24.68 0.40
C SER A 168 8.79 -24.50 1.79
N LEU A 169 10.09 -24.25 1.86
CA LEU A 169 10.76 -23.89 3.10
C LEU A 169 11.12 -22.40 2.96
N SER A 170 10.31 -21.54 3.60
CA SER A 170 10.49 -20.08 3.47
C SER A 170 10.73 -19.36 4.80
N SER A 171 10.06 -19.76 5.87
CA SER A 171 10.33 -19.17 7.18
C SER A 171 11.66 -19.71 7.71
N GLY A 172 12.35 -18.89 8.51
CA GLY A 172 13.66 -19.24 9.05
C GLY A 172 14.79 -19.23 8.01
N VAL A 173 14.56 -18.59 6.86
CA VAL A 173 15.57 -18.44 5.81
C VAL A 173 16.17 -17.04 5.87
N HIS A 174 17.51 -16.95 5.79
CA HIS A 174 18.19 -15.68 5.56
C HIS A 174 19.12 -15.82 4.38
N THR A 175 18.83 -15.08 3.32
CA THR A 175 19.69 -15.02 2.15
C THR A 175 20.37 -13.66 2.15
N PHE A 176 21.70 -13.69 2.13
CA PHE A 176 22.49 -12.48 2.35
C PHE A 176 22.85 -11.80 1.03
N PRO A 177 23.01 -10.46 1.07
CA PRO A 177 23.46 -9.78 -0.13
C PRO A 177 24.84 -10.27 -0.57
N ALA A 178 25.05 -10.28 -1.88
CA ALA A 178 26.31 -10.71 -2.45
C ALA A 178 27.41 -9.70 -2.17
N VAL A 179 28.64 -10.21 -2.09
CA VAL A 179 29.84 -9.38 -1.99
C VAL A 179 30.73 -9.72 -3.16
N LEU A 180 31.56 -8.76 -3.57
CA LEU A 180 32.57 -9.01 -4.60
C LEU A 180 33.79 -9.70 -4.01
N GLN A 181 34.24 -10.76 -4.67
CA GLN A 181 35.38 -11.57 -4.26
C GLN A 181 36.09 -12.02 -5.53
N SER A 182 37.29 -11.50 -5.77
CA SER A 182 38.11 -11.81 -6.95
C SER A 182 37.36 -11.47 -8.26
N ASP A 183 36.73 -10.29 -8.25
CA ASP A 183 35.91 -9.78 -9.36
C ASP A 183 34.68 -10.61 -9.75
N LEU A 184 34.27 -11.52 -8.87
CA LEU A 184 33.07 -12.31 -9.03
C LEU A 184 32.26 -12.17 -7.74
N TYR A 185 31.00 -12.58 -7.78
CA TYR A 185 30.12 -12.42 -6.63
C TYR A 185 30.05 -13.70 -5.79
N THR A 186 29.89 -13.52 -4.49
CA THR A 186 29.64 -14.60 -3.57
C THR A 186 28.53 -14.21 -2.62
N LEU A 187 27.62 -15.15 -2.35
CA LEU A 187 26.63 -14.95 -1.31
C LEU A 187 26.36 -16.26 -0.58
N SER A 188 25.68 -16.15 0.55
CA SER A 188 25.31 -17.31 1.33
C SER A 188 23.83 -17.20 1.72
N SER A 189 23.26 -18.36 2.03
CA SER A 189 21.90 -18.45 2.53
C SER A 189 21.88 -19.47 3.66
N SER A 190 21.19 -19.14 4.75
CA SER A 190 20.99 -20.07 5.85
C SER A 190 19.51 -20.42 5.96
N VAL A 191 19.24 -21.63 6.45
CA VAL A 191 17.89 -22.04 6.79
C VAL A 191 17.92 -22.78 8.12
N THR A 192 16.95 -22.49 8.98
CA THR A 192 16.91 -23.08 10.32
C THR A 192 15.62 -23.90 10.44
N VAL A 193 15.78 -25.19 10.72
CA VAL A 193 14.66 -26.15 10.82
C VAL A 193 14.75 -26.93 12.14
N PRO A 194 13.64 -27.56 12.56
CA PRO A 194 13.73 -28.45 13.74
C PRO A 194 14.65 -29.65 13.51
N SER A 195 15.44 -29.99 14.54
CA SER A 195 16.36 -31.14 14.46
C SER A 195 15.67 -32.46 14.16
N SER A 196 14.41 -32.59 14.57
CA SER A 196 13.60 -33.77 14.24
C SER A 196 13.30 -33.92 12.74
N THR A 197 13.41 -32.83 11.97
CA THR A 197 13.14 -32.87 10.52
C THR A 197 14.35 -33.06 9.60
N TRP A 198 15.58 -32.92 10.11
CA TRP A 198 16.78 -33.14 9.32
C TRP A 198 17.80 -33.86 10.20
N PRO A 199 18.42 -34.95 9.74
CA PRO A 199 18.46 -35.40 8.33
C PRO A 199 17.34 -36.33 7.83
N SER A 200 16.30 -36.55 8.64
CA SER A 200 15.25 -37.52 8.31
C SER A 200 14.41 -37.13 7.09
N GLU A 201 14.15 -35.83 6.94
CA GLU A 201 13.55 -35.27 5.73
C GLU A 201 14.61 -34.43 5.01
N THR A 202 14.46 -34.33 3.70
CA THR A 202 15.50 -33.73 2.87
C THR A 202 15.43 -32.19 2.93
N VAL A 203 16.60 -31.56 2.90
CA VAL A 203 16.72 -30.12 2.76
C VAL A 203 17.67 -29.85 1.57
N THR A 204 17.18 -29.06 0.62
CA THR A 204 17.88 -28.79 -0.63
C THR A 204 17.84 -27.31 -0.91
N CYS A 205 19.00 -26.69 -1.19
CA CYS A 205 18.97 -25.31 -1.69
C CYS A 205 18.93 -25.32 -3.21
N ASN A 206 18.09 -24.45 -3.77
CA ASN A 206 17.91 -24.32 -5.20
C ASN A 206 18.47 -22.95 -5.59
N VAL A 207 19.47 -22.95 -6.47
CA VAL A 207 20.13 -21.72 -6.89
C VAL A 207 19.87 -21.53 -8.38
N ALA A 208 19.35 -20.37 -8.76
CA ALA A 208 19.17 -20.05 -10.18
C ALA A 208 20.07 -18.88 -10.54
N HIS A 209 20.77 -19.00 -11.69
CA HIS A 209 21.57 -17.92 -12.25
C HIS A 209 21.12 -17.72 -13.70
N PRO A 210 20.10 -16.87 -13.92
CA PRO A 210 19.50 -16.68 -15.24
C PRO A 210 20.51 -16.29 -16.33
N ALA A 211 21.47 -15.44 -16.00
CA ALA A 211 22.47 -14.99 -16.98
C ALA A 211 23.30 -16.10 -17.62
N SER A 212 23.60 -17.17 -16.86
CA SER A 212 24.31 -18.32 -17.39
C SER A 212 23.38 -19.52 -17.71
N SER A 213 22.08 -19.28 -17.71
CA SER A 213 21.09 -20.34 -18.01
C SER A 213 21.24 -21.58 -17.12
N THR A 214 21.52 -21.36 -15.84
CA THR A 214 21.88 -22.42 -14.90
C THR A 214 20.93 -22.44 -13.71
N LYS A 215 20.49 -23.64 -13.34
CA LYS A 215 19.92 -23.90 -12.03
C LYS A 215 20.64 -25.08 -11.39
N VAL A 216 20.96 -24.94 -10.11
CA VAL A 216 21.63 -26.00 -9.35
C VAL A 216 20.80 -26.31 -8.11
N ASP A 217 20.52 -27.60 -7.89
CA ASP A 217 19.96 -28.06 -6.62
C ASP A 217 21.04 -28.82 -5.86
N LYS A 218 21.23 -28.44 -4.61
CA LYS A 218 22.23 -29.05 -3.76
C LYS A 218 21.54 -29.54 -2.50
N LYS A 219 21.46 -30.86 -2.34
CA LYS A 219 20.90 -31.47 -1.12
C LYS A 219 21.94 -31.37 -0.02
N ILE A 220 21.50 -31.00 1.17
CA ILE A 220 22.39 -30.90 2.32
C ILE A 220 22.36 -32.22 3.05
N VAL A 221 23.48 -32.93 3.04
CA VAL A 221 23.61 -34.22 3.74
C VAL A 221 24.59 -34.10 4.90
N PRO A 222 24.43 -34.96 5.95
CA PRO A 222 25.39 -34.88 7.06
C PRO A 222 26.82 -35.16 6.62
N ARG A 223 27.79 -34.58 7.32
CA ARG A 223 29.21 -34.84 7.06
C ARG A 223 29.61 -36.20 7.62
N ASP A 224 30.70 -36.77 7.11
CA ASP A 224 31.28 -38.02 7.63
C ASP A 224 32.81 -37.94 7.68
N GLU B 4 2.28 -17.80 -5.24
CA GLU B 4 1.28 -16.87 -4.68
C GLU B 4 -0.13 -17.40 -4.95
N VAL B 5 -0.95 -17.46 -3.90
CA VAL B 5 -2.33 -17.92 -4.04
C VAL B 5 -3.15 -16.87 -4.78
N GLN B 6 -3.83 -17.29 -5.83
CA GLN B 6 -4.72 -16.42 -6.58
C GLN B 6 -6.02 -17.12 -6.92
N LEU B 7 -7.13 -16.40 -6.77
CA LEU B 7 -8.45 -16.85 -7.16
C LEU B 7 -8.97 -15.85 -8.17
N GLN B 8 -9.18 -16.30 -9.39
CA GLN B 8 -9.56 -15.43 -10.50
C GLN B 8 -10.99 -15.77 -10.92
N GLN B 9 -11.93 -14.85 -10.66
CA GLN B 9 -13.32 -15.07 -11.03
C GLN B 9 -13.65 -14.55 -12.41
N SER B 10 -14.74 -15.09 -12.96
CA SER B 10 -15.22 -14.70 -14.27
C SER B 10 -15.89 -13.30 -14.21
N GLY B 11 -16.07 -12.72 -15.38
CA GLY B 11 -16.47 -11.33 -15.51
C GLY B 11 -17.93 -11.05 -15.20
N THR B 12 -18.28 -9.78 -15.18
CA THR B 12 -19.66 -9.35 -14.97
C THR B 12 -20.61 -10.07 -15.91
N VAL B 13 -21.75 -10.50 -15.38
CA VAL B 13 -22.73 -11.21 -16.17
C VAL B 13 -24.11 -10.56 -15.99
N LEU B 14 -24.80 -10.42 -17.12
CA LEU B 14 -26.16 -9.93 -17.17
C LEU B 14 -27.05 -11.12 -17.53
N ALA B 15 -28.16 -11.27 -16.83
CA ALA B 15 -29.08 -12.38 -17.07
C ALA B 15 -30.52 -11.90 -16.92
N ARG B 16 -31.42 -12.57 -17.62
CA ARG B 16 -32.83 -12.23 -17.55
C ARG B 16 -33.50 -12.99 -16.40
N PRO B 17 -34.57 -12.41 -15.81
CA PRO B 17 -35.33 -13.12 -14.80
C PRO B 17 -35.81 -14.48 -15.32
N GLY B 18 -35.73 -15.51 -14.49
CA GLY B 18 -36.08 -16.87 -14.87
C GLY B 18 -34.95 -17.68 -15.51
N ALA B 19 -33.89 -17.02 -15.96
CA ALA B 19 -32.77 -17.73 -16.57
C ALA B 19 -31.87 -18.38 -15.50
N SER B 20 -30.83 -19.06 -15.97
CA SER B 20 -29.77 -19.61 -15.13
C SER B 20 -28.49 -18.95 -15.57
N VAL B 21 -27.52 -18.91 -14.65
CA VAL B 21 -26.20 -18.39 -14.98
C VAL B 21 -25.17 -19.24 -14.25
N LYS B 22 -24.00 -19.43 -14.87
CA LYS B 22 -22.89 -20.15 -14.26
C LYS B 22 -21.68 -19.24 -14.24
N MET B 23 -21.06 -19.13 -13.07
CA MET B 23 -19.85 -18.31 -12.92
C MET B 23 -18.72 -19.20 -12.40
N SER B 24 -17.49 -18.76 -12.62
CA SER B 24 -16.32 -19.57 -12.33
C SER B 24 -15.31 -18.87 -11.46
N CYS B 25 -14.45 -19.68 -10.87
CA CYS B 25 -13.40 -19.23 -10.00
C CYS B 25 -12.19 -20.15 -10.24
N LYS B 26 -11.17 -19.61 -10.90
CA LYS B 26 -9.95 -20.37 -11.19
C LYS B 26 -8.88 -20.16 -10.12
N ALA B 27 -8.46 -21.27 -9.51
CA ALA B 27 -7.48 -21.24 -8.42
C ALA B 27 -6.08 -21.55 -8.93
N SER B 28 -5.09 -20.85 -8.39
CA SER B 28 -3.69 -21.16 -8.65
C SER B 28 -2.83 -20.87 -7.43
N GLY B 29 -1.66 -21.50 -7.39
CA GLY B 29 -0.67 -21.30 -6.34
C GLY B 29 -0.81 -22.19 -5.14
N TYR B 30 -1.73 -23.15 -5.19
CA TYR B 30 -1.89 -24.11 -4.11
C TYR B 30 -2.59 -25.36 -4.64
N THR B 31 -2.61 -26.40 -3.82
CA THR B 31 -3.24 -27.65 -4.19
C THR B 31 -4.76 -27.54 -4.06
N PHE B 32 -5.41 -27.41 -5.22
CA PHE B 32 -6.84 -27.16 -5.35
C PHE B 32 -7.71 -28.20 -4.63
N THR B 33 -7.27 -29.46 -4.67
CA THR B 33 -8.02 -30.55 -4.08
C THR B 33 -7.89 -30.70 -2.57
N SER B 34 -7.07 -29.87 -1.92
CA SER B 34 -6.83 -29.97 -0.48
C SER B 34 -7.65 -28.99 0.38
N TYR B 35 -8.52 -28.17 -0.24
CA TYR B 35 -9.22 -27.10 0.49
C TYR B 35 -10.65 -27.01 0.03
N TRP B 36 -11.54 -26.71 0.96
CA TRP B 36 -12.91 -26.38 0.60
C TRP B 36 -12.95 -24.99 -0.04
N MET B 37 -13.66 -24.86 -1.16
CA MET B 37 -13.88 -23.58 -1.81
C MET B 37 -15.29 -23.11 -1.47
N HIS B 38 -15.41 -21.93 -0.88
CA HIS B 38 -16.68 -21.42 -0.38
C HIS B 38 -17.15 -20.27 -1.25
N TRP B 39 -18.47 -20.07 -1.27
CA TRP B 39 -19.07 -19.01 -2.06
C TRP B 39 -19.89 -18.11 -1.15
N ILE B 40 -19.80 -16.80 -1.41
CA ILE B 40 -20.35 -15.76 -0.54
C ILE B 40 -21.12 -14.76 -1.42
N LYS B 41 -22.28 -14.32 -0.93
CA LYS B 41 -23.12 -13.34 -1.63
C LYS B 41 -23.09 -12.01 -0.90
N GLN B 42 -22.96 -10.92 -1.65
CA GLN B 42 -23.05 -9.58 -1.10
C GLN B 42 -23.95 -8.70 -1.94
N ARG B 43 -25.11 -8.35 -1.40
CA ARG B 43 -26.07 -7.49 -2.13
C ARG B 43 -25.66 -6.01 -2.04
N PRO B 44 -26.05 -5.19 -3.06
CA PRO B 44 -25.60 -3.79 -3.13
C PRO B 44 -25.83 -3.01 -1.83
N GLY B 45 -24.73 -2.56 -1.22
CA GLY B 45 -24.77 -1.85 0.06
C GLY B 45 -25.04 -2.70 1.30
N GLN B 46 -24.96 -4.03 1.18
CA GLN B 46 -25.37 -4.95 2.25
C GLN B 46 -24.19 -5.78 2.76
N GLY B 47 -24.47 -6.66 3.74
CA GLY B 47 -23.48 -7.51 4.33
C GLY B 47 -23.16 -8.74 3.51
N LEU B 48 -22.64 -9.76 4.17
CA LEU B 48 -22.14 -10.96 3.53
C LEU B 48 -22.98 -12.16 3.96
N GLU B 49 -23.32 -13.01 3.00
CA GLU B 49 -24.12 -14.18 3.27
C GLU B 49 -23.44 -15.42 2.69
N TRP B 50 -23.31 -16.46 3.52
CA TRP B 50 -22.68 -17.72 3.11
C TRP B 50 -23.62 -18.58 2.27
N ILE B 51 -23.16 -19.00 1.09
CA ILE B 51 -23.98 -19.82 0.17
C ILE B 51 -23.73 -21.31 0.37
N GLY B 52 -22.47 -21.69 0.31
CA GLY B 52 -22.10 -23.10 0.38
C GLY B 52 -20.66 -23.29 0.01
N ALA B 53 -20.28 -24.56 -0.12
CA ALA B 53 -18.89 -24.93 -0.37
C ALA B 53 -18.76 -26.25 -1.10
N ILE B 54 -17.64 -26.41 -1.79
CA ILE B 54 -17.31 -27.67 -2.45
C ILE B 54 -15.91 -28.07 -2.05
N TYR B 55 -15.69 -29.39 -1.90
CA TYR B 55 -14.37 -29.94 -1.68
C TYR B 55 -13.94 -30.61 -2.99
N PRO B 56 -13.05 -29.96 -3.75
CA PRO B 56 -12.81 -30.48 -5.11
C PRO B 56 -12.14 -31.86 -5.15
N GLY B 57 -11.43 -32.23 -4.09
CA GLY B 57 -10.81 -33.55 -3.96
C GLY B 57 -11.73 -34.75 -4.17
N ASP B 58 -12.98 -34.61 -3.74
CA ASP B 58 -13.98 -35.68 -3.89
C ASP B 58 -15.40 -35.23 -4.27
N SER B 59 -15.57 -33.98 -4.69
CA SER B 59 -16.88 -33.40 -5.03
C SER B 59 -17.92 -33.28 -3.90
N ASP B 60 -17.48 -33.40 -2.65
CA ASP B 60 -18.38 -33.20 -1.52
C ASP B 60 -18.86 -31.73 -1.53
N THR B 61 -20.13 -31.51 -1.20
CA THR B 61 -20.71 -30.17 -1.14
C THR B 61 -21.50 -29.95 0.14
N LYS B 62 -21.55 -28.69 0.57
CA LYS B 62 -22.39 -28.24 1.69
C LYS B 62 -23.14 -27.00 1.22
N TYR B 63 -24.39 -26.85 1.66
CA TYR B 63 -25.18 -25.67 1.31
C TYR B 63 -25.82 -25.03 2.52
N ASN B 64 -25.91 -23.71 2.50
CA ASN B 64 -26.80 -22.97 3.38
C ASN B 64 -28.23 -23.39 2.98
N GLN B 65 -29.05 -23.75 3.96
CA GLN B 65 -30.46 -24.13 3.69
C GLN B 65 -31.16 -23.10 2.79
N LYS B 66 -30.88 -21.82 3.03
CA LYS B 66 -31.45 -20.71 2.22
C LYS B 66 -31.14 -20.77 0.72
N PHE B 67 -30.06 -21.45 0.32
CA PHE B 67 -29.67 -21.54 -1.10
C PHE B 67 -29.85 -22.91 -1.75
N LYS B 68 -30.38 -23.89 -1.01
CA LYS B 68 -30.70 -25.19 -1.63
C LYS B 68 -31.77 -25.00 -2.71
N GLY B 69 -31.50 -25.51 -3.90
CA GLY B 69 -32.38 -25.28 -5.05
C GLY B 69 -32.13 -23.98 -5.81
N LYS B 70 -31.38 -23.04 -5.23
CA LYS B 70 -30.98 -21.80 -5.90
C LYS B 70 -29.57 -21.96 -6.50
N ALA B 71 -28.63 -22.45 -5.70
CA ALA B 71 -27.23 -22.58 -6.10
C ALA B 71 -26.82 -24.03 -6.28
N LYS B 72 -25.99 -24.29 -7.29
CA LYS B 72 -25.39 -25.59 -7.50
C LYS B 72 -23.89 -25.41 -7.69
N LEU B 73 -23.11 -26.07 -6.84
CA LEU B 73 -21.65 -25.97 -6.87
C LEU B 73 -21.01 -27.20 -7.51
N THR B 74 -20.07 -26.95 -8.42
CA THR B 74 -19.29 -28.01 -9.07
C THR B 74 -17.82 -27.59 -9.15
N ALA B 75 -16.99 -28.53 -9.55
CA ALA B 75 -15.57 -28.28 -9.74
C ALA B 75 -15.03 -29.12 -10.89
N VAL B 76 -14.03 -28.57 -11.58
CA VAL B 76 -13.29 -29.31 -12.61
C VAL B 76 -11.86 -29.30 -12.11
N THR B 77 -11.40 -30.46 -11.63
CA THR B 77 -10.08 -30.60 -11.08
C THR B 77 -8.99 -30.51 -12.14
N SER B 78 -9.27 -30.92 -13.38
CA SER B 78 -8.27 -30.80 -14.45
C SER B 78 -7.79 -29.35 -14.72
N THR B 79 -8.63 -28.36 -14.40
CA THR B 79 -8.33 -26.94 -14.62
C THR B 79 -8.29 -26.10 -13.34
N SER B 80 -8.36 -26.76 -12.18
CA SER B 80 -8.46 -26.09 -10.87
C SER B 80 -9.51 -24.97 -10.86
N THR B 81 -10.70 -25.27 -11.37
CA THR B 81 -11.77 -24.28 -11.49
C THR B 81 -13.02 -24.74 -10.75
N ALA B 82 -13.53 -23.86 -9.89
CA ALA B 82 -14.79 -24.07 -9.21
C ALA B 82 -15.87 -23.27 -9.93
N TYR B 83 -17.08 -23.80 -9.93
CA TYR B 83 -18.21 -23.19 -10.62
C TYR B 83 -19.42 -23.09 -9.69
N MET B 84 -20.21 -22.04 -9.88
CA MET B 84 -21.49 -21.90 -9.21
C MET B 84 -22.54 -21.55 -10.23
N GLU B 85 -23.61 -22.34 -10.24
CA GLU B 85 -24.75 -22.12 -11.11
C GLU B 85 -25.93 -21.62 -10.26
N LEU B 86 -26.51 -20.50 -10.65
CA LEU B 86 -27.69 -19.94 -10.01
C LEU B 86 -28.85 -20.06 -10.97
N SER B 87 -29.97 -20.61 -10.50
CA SER B 87 -31.14 -20.85 -11.36
C SER B 87 -32.36 -20.06 -10.92
N SER B 88 -33.37 -20.02 -11.81
CA SER B 88 -34.64 -19.31 -11.55
C SER B 88 -34.40 -17.89 -11.07
N LEU B 89 -33.60 -17.14 -11.84
CA LEU B 89 -33.07 -15.87 -11.35
C LEU B 89 -34.15 -14.82 -11.13
N THR B 90 -34.03 -14.09 -10.03
CA THR B 90 -34.88 -12.93 -9.74
C THR B 90 -34.01 -11.74 -9.40
N ASN B 91 -34.66 -10.58 -9.25
CA ASN B 91 -34.02 -9.35 -8.77
C ASN B 91 -33.22 -9.55 -7.48
N GLU B 92 -33.71 -10.41 -6.59
CA GLU B 92 -33.03 -10.70 -5.33
C GLU B 92 -31.66 -11.37 -5.51
N ASP B 93 -31.40 -11.95 -6.67
CA ASP B 93 -30.12 -12.56 -6.99
C ASP B 93 -29.05 -11.58 -7.51
N SER B 94 -29.45 -10.36 -7.86
CA SER B 94 -28.47 -9.34 -8.28
C SER B 94 -27.54 -9.00 -7.11
N ALA B 95 -26.24 -9.19 -7.29
CA ALA B 95 -25.30 -9.12 -6.18
C ALA B 95 -23.88 -9.31 -6.70
N VAL B 96 -22.92 -9.12 -5.81
CA VAL B 96 -21.55 -9.54 -6.06
C VAL B 96 -21.38 -10.90 -5.39
N TYR B 97 -20.79 -11.85 -6.11
CA TYR B 97 -20.52 -13.18 -5.58
C TYR B 97 -19.03 -13.41 -5.52
N TYR B 98 -18.57 -13.90 -4.37
CA TYR B 98 -17.16 -14.20 -4.14
C TYR B 98 -16.94 -15.69 -3.96
N CYS B 99 -15.81 -16.20 -4.48
CA CYS B 99 -15.30 -17.50 -4.07
C CYS B 99 -14.17 -17.22 -3.09
N THR B 100 -13.98 -18.13 -2.14
CA THR B 100 -12.93 -17.94 -1.13
C THR B 100 -12.44 -19.29 -0.61
N ARG B 101 -11.15 -19.36 -0.32
CA ARG B 101 -10.54 -20.59 0.17
C ARG B 101 -10.63 -20.65 1.68
N ARG B 102 -11.08 -21.78 2.21
CA ARG B 102 -11.14 -22.00 3.65
C ARG B 102 -9.86 -22.71 4.10
N ASN B 103 -9.20 -22.15 5.11
CA ASN B 103 -7.99 -22.72 5.68
C ASN B 103 -8.33 -23.19 7.10
N THR B 104 -7.73 -24.29 7.53
CA THR B 104 -8.01 -24.88 8.84
C THR B 104 -6.81 -24.98 9.77
N LEU B 105 -5.73 -24.25 9.46
CA LEU B 105 -4.53 -24.23 10.29
C LEU B 105 -4.70 -23.28 11.47
N THR B 106 -4.91 -23.85 12.65
CA THR B 106 -5.14 -23.12 13.90
C THR B 106 -6.40 -22.24 13.86
N GLY B 107 -7.42 -22.70 13.17
CA GLY B 107 -8.67 -21.98 13.02
C GLY B 107 -9.52 -22.50 11.89
N ASP B 108 -10.53 -21.74 11.54
CA ASP B 108 -11.37 -21.99 10.37
C ASP B 108 -11.62 -20.62 9.80
N TYR B 109 -10.98 -20.29 8.68
CA TYR B 109 -10.99 -18.92 8.17
C TYR B 109 -10.83 -18.87 6.65
N PHE B 110 -11.45 -17.85 6.06
CA PHE B 110 -11.40 -17.59 4.63
C PHE B 110 -10.21 -16.67 4.34
N ASP B 111 -9.08 -17.28 3.96
CA ASP B 111 -7.82 -16.53 3.87
C ASP B 111 -7.58 -15.84 2.51
N TYR B 112 -8.02 -16.45 1.42
CA TYR B 112 -7.85 -15.86 0.07
C TYR B 112 -9.20 -15.77 -0.61
N TRP B 113 -9.41 -14.67 -1.32
CA TRP B 113 -10.70 -14.34 -1.93
C TRP B 113 -10.49 -14.00 -3.39
N GLY B 114 -11.45 -14.42 -4.22
CA GLY B 114 -11.57 -13.93 -5.57
C GLY B 114 -11.97 -12.47 -5.58
N GLN B 115 -11.88 -11.84 -6.75
CA GLN B 115 -12.13 -10.41 -6.86
C GLN B 115 -13.62 -10.05 -6.88
N GLY B 116 -14.47 -11.07 -6.99
CA GLY B 116 -15.90 -10.87 -7.08
C GLY B 116 -16.40 -10.90 -8.50
N THR B 117 -17.60 -11.45 -8.67
CA THR B 117 -18.34 -11.42 -9.93
C THR B 117 -19.66 -10.73 -9.69
N THR B 118 -19.90 -9.64 -10.43
CA THR B 118 -21.20 -8.97 -10.40
C THR B 118 -22.18 -9.71 -11.30
N LEU B 119 -23.34 -10.07 -10.74
CA LEU B 119 -24.50 -10.55 -11.47
C LEU B 119 -25.58 -9.48 -11.43
N THR B 120 -26.08 -9.09 -12.62
CA THR B 120 -27.20 -8.15 -12.73
C THR B 120 -28.35 -8.89 -13.43
N VAL B 121 -29.46 -9.05 -12.71
CA VAL B 121 -30.65 -9.67 -13.25
C VAL B 121 -31.60 -8.56 -13.70
N SER B 122 -31.89 -8.52 -14.99
CA SER B 122 -32.71 -7.47 -15.54
C SER B 122 -33.29 -7.88 -16.88
N SER B 123 -34.45 -7.30 -17.21
CA SER B 123 -35.05 -7.43 -18.54
C SER B 123 -34.62 -6.35 -19.52
N ALA B 124 -33.83 -5.38 -19.06
CA ALA B 124 -33.48 -4.23 -19.87
C ALA B 124 -32.57 -4.57 -21.05
N LYS B 125 -32.66 -3.73 -22.07
CA LYS B 125 -31.83 -3.81 -23.25
C LYS B 125 -30.78 -2.73 -23.17
N THR B 126 -29.65 -2.93 -23.84
CA THR B 126 -28.61 -1.94 -23.94
C THR B 126 -29.18 -0.64 -24.47
N THR B 127 -29.02 0.44 -23.69
CA THR B 127 -29.62 1.73 -24.00
C THR B 127 -28.60 2.84 -23.68
N PRO B 128 -28.32 3.74 -24.64
CA PRO B 128 -27.40 4.83 -24.33
C PRO B 128 -28.07 5.90 -23.46
N PRO B 129 -27.28 6.68 -22.72
CA PRO B 129 -27.85 7.71 -21.85
C PRO B 129 -28.32 8.93 -22.61
N SER B 130 -29.32 9.60 -22.09
CA SER B 130 -29.54 11.01 -22.38
C SER B 130 -28.68 11.81 -21.43
N VAL B 131 -28.08 12.88 -21.92
CA VAL B 131 -27.21 13.72 -21.10
C VAL B 131 -27.80 15.13 -21.11
N TYR B 132 -28.20 15.61 -19.94
CA TYR B 132 -28.87 16.91 -19.81
C TYR B 132 -28.00 17.88 -19.04
N PRO B 133 -27.83 19.10 -19.55
CA PRO B 133 -27.04 20.10 -18.85
C PRO B 133 -27.82 20.70 -17.67
N LEU B 134 -27.12 20.94 -16.56
CA LEU B 134 -27.68 21.61 -15.40
C LEU B 134 -26.95 22.95 -15.24
N ALA B 135 -27.62 24.03 -15.60
CA ALA B 135 -27.11 25.39 -15.47
C ALA B 135 -28.00 26.11 -14.46
N PRO B 136 -27.45 27.06 -13.69
CA PRO B 136 -28.29 27.74 -12.68
C PRO B 136 -29.50 28.45 -13.29
N GLY B 137 -30.61 28.45 -12.56
CA GLY B 137 -31.84 29.16 -12.97
C GLY B 137 -31.65 30.67 -13.06
N SER B 144 -19.66 34.12 -6.28
CA SER B 144 -18.21 33.90 -6.22
C SER B 144 -17.79 32.57 -6.83
N MET B 145 -18.37 31.48 -6.35
CA MET B 145 -18.26 30.16 -7.01
C MET B 145 -19.59 29.82 -7.64
N VAL B 146 -19.57 29.05 -8.71
CA VAL B 146 -20.79 28.60 -9.37
C VAL B 146 -20.70 27.09 -9.57
N THR B 147 -21.81 26.41 -9.30
CA THR B 147 -21.91 24.98 -9.48
C THR B 147 -22.74 24.68 -10.73
N LEU B 148 -22.21 23.82 -11.58
CA LEU B 148 -22.86 23.35 -12.78
C LEU B 148 -23.01 21.84 -12.67
N GLY B 149 -23.78 21.24 -13.56
CA GLY B 149 -23.94 19.82 -13.52
C GLY B 149 -24.37 19.20 -14.79
N CYS B 150 -24.45 17.87 -14.73
CA CYS B 150 -24.84 17.04 -15.85
CA CYS B 150 -24.73 17.01 -15.86
C CYS B 150 -25.66 15.92 -15.30
N LEU B 151 -26.85 15.71 -15.88
CA LEU B 151 -27.75 14.62 -15.49
C LEU B 151 -27.71 13.56 -16.60
N VAL B 152 -27.33 12.34 -16.23
CA VAL B 152 -27.08 11.26 -17.19
C VAL B 152 -28.16 10.22 -16.92
N LYS B 153 -29.14 10.13 -17.83
CA LYS B 153 -30.41 9.49 -17.54
C LYS B 153 -30.79 8.43 -18.55
N GLY B 154 -31.26 7.28 -18.04
CA GLY B 154 -31.90 6.27 -18.86
C GLY B 154 -30.98 5.37 -19.64
N TYR B 155 -29.86 4.95 -19.04
CA TYR B 155 -28.93 4.05 -19.70
C TYR B 155 -28.93 2.64 -19.09
N PHE B 156 -28.43 1.68 -19.87
CA PHE B 156 -28.23 0.31 -19.41
C PHE B 156 -27.23 -0.37 -20.34
N PRO B 157 -26.30 -1.18 -19.83
CA PRO B 157 -26.04 -1.46 -18.42
C PRO B 157 -25.04 -0.46 -17.84
N GLU B 158 -24.69 -0.63 -16.58
CA GLU B 158 -23.53 0.07 -15.99
C GLU B 158 -22.23 -0.40 -16.67
N PRO B 159 -21.18 0.41 -16.70
CA PRO B 159 -21.10 1.75 -16.13
C PRO B 159 -21.12 2.84 -17.19
N VAL B 160 -21.21 4.08 -16.73
CA VAL B 160 -20.82 5.23 -17.51
C VAL B 160 -19.66 5.90 -16.80
N THR B 161 -18.83 6.61 -17.56
CA THR B 161 -17.82 7.46 -16.98
C THR B 161 -18.14 8.91 -17.32
N VAL B 162 -17.88 9.80 -16.37
CA VAL B 162 -18.09 11.22 -16.54
C VAL B 162 -16.77 11.93 -16.27
N THR B 163 -16.38 12.84 -17.17
CA THR B 163 -15.31 13.79 -16.90
C THR B 163 -15.80 15.19 -17.26
N TRP B 164 -15.05 16.19 -16.85
CA TRP B 164 -15.35 17.58 -17.15
C TRP B 164 -14.15 18.20 -17.87
N ASN B 165 -14.43 18.90 -18.98
CA ASN B 165 -13.39 19.47 -19.86
C ASN B 165 -12.29 18.46 -20.16
N SER B 166 -12.73 17.27 -20.56
CA SER B 166 -11.87 16.15 -20.95
C SER B 166 -10.84 15.74 -19.89
N GLY B 167 -11.22 15.85 -18.62
CA GLY B 167 -10.34 15.49 -17.51
C GLY B 167 -9.53 16.63 -16.90
N SER B 168 -9.44 17.76 -17.59
CA SER B 168 -8.64 18.89 -17.09
C SER B 168 -9.32 19.64 -15.95
N LEU B 169 -10.62 19.41 -15.76
CA LEU B 169 -11.35 19.94 -14.62
C LEU B 169 -11.67 18.73 -13.73
N SER B 170 -10.88 18.57 -12.65
CA SER B 170 -11.01 17.40 -11.78
C SER B 170 -11.30 17.74 -10.32
N SER B 171 -10.69 18.78 -9.77
CA SER B 171 -11.02 19.21 -8.40
C SER B 171 -12.38 19.92 -8.41
N GLY B 172 -13.09 19.81 -7.30
CA GLY B 172 -14.44 20.38 -7.18
C GLY B 172 -15.51 19.62 -7.97
N VAL B 173 -15.21 18.38 -8.37
CA VAL B 173 -16.15 17.52 -9.09
C VAL B 173 -16.70 16.47 -8.13
N HIS B 174 -18.03 16.27 -8.16
CA HIS B 174 -18.65 15.13 -7.50
C HIS B 174 -19.52 14.37 -8.49
N THR B 175 -19.13 13.14 -8.77
CA THR B 175 -19.91 12.26 -9.62
C THR B 175 -20.57 11.22 -8.71
N PHE B 176 -21.89 11.13 -8.80
CA PHE B 176 -22.66 10.34 -7.85
C PHE B 176 -22.92 8.93 -8.34
N PRO B 177 -23.04 7.96 -7.42
CA PRO B 177 -23.41 6.61 -7.86
C PRO B 177 -24.76 6.60 -8.55
N ALA B 178 -24.90 5.71 -9.52
CA ALA B 178 -26.15 5.58 -10.25
C ALA B 178 -27.23 4.95 -9.39
N VAL B 179 -28.47 5.30 -9.70
CA VAL B 179 -29.65 4.70 -9.08
C VAL B 179 -30.53 4.12 -10.20
N LEU B 180 -31.31 3.11 -9.87
CA LEU B 180 -32.27 2.55 -10.82
C LEU B 180 -33.54 3.40 -10.87
N GLN B 181 -33.98 3.69 -12.09
CA GLN B 181 -35.16 4.51 -12.36
C GLN B 181 -35.83 3.94 -13.62
N SER B 182 -37.00 3.34 -13.46
CA SER B 182 -37.77 2.74 -14.56
C SER B 182 -36.96 1.64 -15.28
N ASP B 183 -36.29 0.81 -14.47
CA ASP B 183 -35.41 -0.27 -14.92
C ASP B 183 -34.18 0.15 -15.74
N LEU B 184 -33.84 1.43 -15.70
CA LEU B 184 -32.65 1.97 -16.33
C LEU B 184 -31.91 2.78 -15.26
N TYR B 185 -30.65 3.12 -15.55
CA TYR B 185 -29.83 3.84 -14.58
C TYR B 185 -29.83 5.33 -14.82
N THR B 186 -29.73 6.08 -13.73
CA THR B 186 -29.54 7.52 -13.78
C THR B 186 -28.47 7.92 -12.80
N LEU B 187 -27.60 8.84 -13.21
CA LEU B 187 -26.66 9.46 -12.27
C LEU B 187 -26.47 10.92 -12.60
N SER B 188 -25.84 11.63 -11.68
CA SER B 188 -25.55 13.04 -11.88
C SER B 188 -24.10 13.32 -11.50
N SER B 189 -23.59 14.42 -12.03
CA SER B 189 -22.26 14.91 -11.69
C SER B 189 -22.34 16.42 -11.53
N SER B 190 -21.71 16.95 -10.49
CA SER B 190 -21.62 18.39 -10.29
C SER B 190 -20.17 18.82 -10.41
N VAL B 191 -19.96 20.05 -10.86
CA VAL B 191 -18.63 20.67 -10.86
C VAL B 191 -18.77 22.11 -10.37
N THR B 192 -17.83 22.55 -9.53
CA THR B 192 -17.87 23.89 -8.95
C THR B 192 -16.62 24.64 -9.40
N VAL B 193 -16.83 25.76 -10.07
CA VAL B 193 -15.76 26.60 -10.61
C VAL B 193 -15.93 28.06 -10.16
N PRO B 194 -14.87 28.87 -10.26
CA PRO B 194 -15.04 30.30 -9.98
C PRO B 194 -15.96 30.98 -11.00
N SER B 195 -16.81 31.89 -10.50
CA SER B 195 -17.75 32.65 -11.36
C SER B 195 -17.06 33.45 -12.45
N SER B 196 -15.82 33.88 -12.20
CA SER B 196 -15.02 34.57 -13.21
C SER B 196 -14.64 33.67 -14.41
N THR B 197 -14.69 32.34 -14.25
CA THR B 197 -14.35 31.40 -15.33
C THR B 197 -15.53 30.87 -16.17
N TRP B 198 -16.77 31.03 -15.71
CA TRP B 198 -17.95 30.59 -16.46
C TRP B 198 -19.03 31.66 -16.33
N PRO B 199 -19.66 32.12 -17.41
CA PRO B 199 -19.64 31.50 -18.76
C PRO B 199 -18.52 31.92 -19.72
N SER B 200 -17.53 32.68 -19.25
CA SER B 200 -16.48 33.23 -20.14
C SER B 200 -15.58 32.16 -20.75
N GLU B 201 -15.26 31.12 -19.99
CA GLU B 201 -14.60 29.92 -20.49
C GLU B 201 -15.59 28.76 -20.47
N THR B 202 -15.40 27.82 -21.37
CA THR B 202 -16.38 26.76 -21.59
C THR B 202 -16.27 25.67 -20.52
N VAL B 203 -17.42 25.12 -20.13
CA VAL B 203 -17.47 23.95 -19.26
C VAL B 203 -18.34 22.91 -19.95
N THR B 204 -17.77 21.71 -20.11
CA THR B 204 -18.39 20.63 -20.86
C THR B 204 -18.28 19.34 -20.07
N CYS B 205 -19.40 18.63 -19.89
CA CYS B 205 -19.30 17.28 -19.32
C CYS B 205 -19.17 16.26 -20.45
N ASN B 206 -18.27 15.30 -20.26
CA ASN B 206 -18.01 14.25 -21.24
C ASN B 206 -18.51 12.93 -20.63
N VAL B 207 -19.45 12.29 -21.30
CA VAL B 207 -20.07 11.06 -20.78
C VAL B 207 -19.74 9.93 -21.74
N ALA B 208 -19.17 8.84 -21.22
CA ALA B 208 -18.89 7.66 -22.03
C ALA B 208 -19.75 6.49 -21.56
N HIS B 209 -20.35 5.77 -22.51
CA HIS B 209 -21.10 4.56 -22.22
C HIS B 209 -20.58 3.47 -23.14
N PRO B 210 -19.51 2.74 -22.70
CA PRO B 210 -18.86 1.72 -23.52
C PRO B 210 -19.80 0.65 -24.08
N ALA B 211 -20.77 0.22 -23.28
CA ALA B 211 -21.70 -0.84 -23.73
C ALA B 211 -22.52 -0.49 -24.98
N SER B 212 -22.86 0.78 -25.15
CA SER B 212 -23.57 1.25 -26.35
C SER B 212 -22.65 1.96 -27.34
N SER B 213 -21.34 1.86 -27.16
CA SER B 213 -20.37 2.49 -28.05
C SER B 213 -20.59 4.00 -28.25
N THR B 214 -20.95 4.69 -27.17
CA THR B 214 -21.37 6.08 -27.22
C THR B 214 -20.48 6.96 -26.32
N LYS B 215 -20.12 8.12 -26.84
CA LYS B 215 -19.63 9.24 -26.03
C LYS B 215 -20.43 10.48 -26.37
N VAL B 216 -20.82 11.23 -25.34
CA VAL B 216 -21.55 12.49 -25.50
C VAL B 216 -20.79 13.60 -24.79
N ASP B 217 -20.58 14.72 -25.47
CA ASP B 217 -20.10 15.95 -24.83
C ASP B 217 -21.24 16.96 -24.79
N LYS B 218 -21.52 17.49 -23.61
CA LYS B 218 -22.58 18.46 -23.42
C LYS B 218 -21.96 19.71 -22.80
N LYS B 219 -21.94 20.79 -23.59
CA LYS B 219 -21.47 22.09 -23.11
C LYS B 219 -22.55 22.72 -22.25
N ILE B 220 -22.16 23.29 -21.12
CA ILE B 220 -23.12 23.92 -20.22
C ILE B 220 -23.17 25.40 -20.58
N VAL B 221 -24.31 25.85 -21.09
CA VAL B 221 -24.53 27.26 -21.45
C VAL B 221 -25.55 27.91 -20.51
N PRO B 222 -25.46 29.23 -20.31
CA PRO B 222 -26.47 29.88 -19.45
C PRO B 222 -27.88 29.73 -19.98
N ARG B 223 -28.86 29.72 -19.08
CA ARG B 223 -30.27 29.70 -19.48
C ARG B 223 -30.71 31.09 -19.96
N ASP B 224 -31.79 31.15 -20.74
CA ASP B 224 -32.39 32.41 -21.21
C ASP B 224 -33.91 32.36 -21.14
N GLY C 3 31.45 26.60 -2.89
CA GLY C 3 30.23 27.29 -3.37
C GLY C 3 28.96 26.46 -3.24
N ASP C 4 29.06 25.15 -3.42
CA ASP C 4 27.88 24.26 -3.40
C ASP C 4 27.25 24.21 -2.01
N ILE C 5 25.92 24.19 -1.94
CA ILE C 5 25.22 24.12 -0.66
C ILE C 5 25.36 22.70 -0.11
N VAL C 6 25.79 22.61 1.15
CA VAL C 6 25.98 21.34 1.82
C VAL C 6 24.84 21.14 2.81
N LEU C 7 24.23 19.96 2.77
CA LEU C 7 23.15 19.61 3.70
C LEU C 7 23.64 18.53 4.65
N THR C 8 23.47 18.76 5.94
CA THR C 8 23.89 17.84 6.98
C THR C 8 22.66 17.33 7.72
N GLN C 9 22.38 16.04 7.57
CA GLN C 9 21.25 15.39 8.26
C GLN C 9 21.69 14.79 9.56
N SER C 10 20.80 14.79 10.53
CA SER C 10 21.03 14.02 11.75
C SER C 10 19.71 13.51 12.35
N PRO C 11 19.76 12.38 13.04
CA PRO C 11 20.94 11.51 13.13
C PRO C 11 21.14 10.69 11.84
N ALA C 12 22.23 9.94 11.77
CA ALA C 12 22.48 9.06 10.61
C ALA C 12 21.52 7.88 10.59
N SER C 13 21.13 7.42 11.76
CA SER C 13 20.10 6.41 11.87
C SER C 13 19.37 6.54 13.19
N LEU C 14 18.16 6.01 13.23
CA LEU C 14 17.44 5.94 14.49
C LEU C 14 16.40 4.85 14.44
N ALA C 15 16.09 4.37 15.62
CA ALA C 15 15.12 3.29 15.82
C ALA C 15 13.99 3.87 16.65
N VAL C 16 12.77 3.71 16.18
CA VAL C 16 11.60 4.30 16.84
C VAL C 16 10.57 3.20 17.07
N SER C 17 9.94 3.20 18.24
CA SER C 17 8.87 2.25 18.54
C SER C 17 7.63 2.59 17.72
N LEU C 18 6.90 1.55 17.32
CA LEU C 18 5.64 1.74 16.60
C LEU C 18 4.72 2.60 17.47
N GLY C 19 4.08 3.59 16.86
CA GLY C 19 3.19 4.50 17.55
C GLY C 19 3.85 5.76 18.06
N GLN C 20 5.19 5.81 18.09
CA GLN C 20 5.93 6.94 18.67
C GLN C 20 6.46 7.88 17.59
N ARG C 21 7.18 8.91 17.99
CA ARG C 21 7.61 9.97 17.10
C ARG C 21 9.02 9.77 16.61
N ALA C 22 9.22 9.94 15.29
CA ALA C 22 10.56 10.03 14.72
C ALA C 22 10.80 11.48 14.29
N THR C 23 11.96 12.05 14.65
CA THR C 23 12.31 13.40 14.23
C THR C 23 13.68 13.37 13.56
N ILE C 24 13.74 13.86 12.32
CA ILE C 24 14.96 13.93 11.53
C ILE C 24 15.22 15.40 11.21
N SER C 25 16.48 15.81 11.37
CA SER C 25 16.90 17.20 11.14
C SER C 25 17.77 17.31 9.90
N CYS C 26 17.71 18.48 9.26
CA CYS C 26 18.54 18.82 8.11
C CYS C 26 19.00 20.26 8.30
N ARG C 27 20.32 20.48 8.29
CA ARG C 27 20.88 21.83 8.32
C ARG C 27 21.62 22.11 7.01
N ALA C 28 21.31 23.25 6.41
CA ALA C 28 21.92 23.72 5.18
C ALA C 28 23.03 24.71 5.47
N SER C 29 24.09 24.68 4.67
CA SER C 29 25.26 25.57 4.85
C SER C 29 24.93 27.05 4.55
N GLU C 30 23.85 27.30 3.84
CA GLU C 30 23.34 28.65 3.65
C GLU C 30 21.83 28.62 3.49
N SER C 31 21.22 29.79 3.56
CA SER C 31 19.77 29.89 3.52
C SER C 31 19.20 29.34 2.21
N VAL C 32 18.11 28.59 2.29
CA VAL C 32 17.40 28.13 1.09
C VAL C 32 16.07 28.88 0.87
N ASP C 33 15.90 30.02 1.53
CA ASP C 33 14.69 30.84 1.39
C ASP C 33 14.77 31.73 0.16
N ASP C 34 13.63 31.86 -0.52
CA ASP C 34 13.46 32.92 -1.52
C ASP C 34 11.97 33.09 -1.74
N TYR C 35 11.57 34.31 -2.08
CA TYR C 35 10.18 34.59 -2.42
C TYR C 35 9.18 34.34 -1.28
N GLY C 36 9.67 34.37 -0.03
CA GLY C 36 8.85 34.08 1.14
C GLY C 36 8.60 32.60 1.44
N ILE C 37 9.23 31.70 0.68
CA ILE C 37 9.10 30.24 0.89
C ILE C 37 10.50 29.64 1.02
N SER C 38 10.59 28.36 1.37
CA SER C 38 11.88 27.69 1.61
C SER C 38 12.04 26.52 0.66
N PHE C 39 13.11 26.52 -0.11
CA PHE C 39 13.33 25.52 -1.17
C PHE C 39 14.03 24.29 -0.60
N MET C 40 13.29 23.54 0.22
CA MET C 40 13.78 22.30 0.84
C MET C 40 12.72 21.24 0.68
N ASN C 41 13.14 20.06 0.20
CA ASN C 41 12.24 18.95 -0.05
C ASN C 41 12.73 17.73 0.73
N TRP C 42 11.81 16.80 1.00
CA TRP C 42 12.13 15.54 1.66
C TRP C 42 11.67 14.36 0.82
N PHE C 43 12.50 13.32 0.80
CA PHE C 43 12.23 12.07 0.09
C PHE C 43 12.33 10.87 1.00
N GLN C 44 11.55 9.84 0.70
CA GLN C 44 11.61 8.54 1.34
C GLN C 44 12.08 7.57 0.28
N GLN C 45 13.04 6.72 0.63
CA GLN C 45 13.51 5.68 -0.27
C GLN C 45 13.60 4.32 0.43
N LYS C 46 12.90 3.36 -0.13
CA LYS C 46 13.00 1.96 0.32
C LYS C 46 13.92 1.15 -0.60
N PRO C 47 14.51 0.06 -0.07
CA PRO C 47 15.46 -0.74 -0.88
C PRO C 47 14.88 -1.21 -2.20
N GLY C 48 15.66 -1.05 -3.28
CA GLY C 48 15.24 -1.43 -4.62
C GLY C 48 14.28 -0.48 -5.34
N GLN C 49 13.95 0.65 -4.70
CA GLN C 49 12.94 1.56 -5.22
C GLN C 49 13.52 2.96 -5.37
N PRO C 50 12.93 3.79 -6.23
CA PRO C 50 13.38 5.17 -6.31
C PRO C 50 12.95 5.97 -5.10
N PRO C 51 13.60 7.12 -4.87
CA PRO C 51 13.09 8.10 -3.91
C PRO C 51 11.66 8.52 -4.27
N LYS C 52 10.87 8.77 -3.24
CA LYS C 52 9.49 9.21 -3.37
C LYS C 52 9.38 10.56 -2.67
N LEU C 53 8.84 11.56 -3.36
CA LEU C 53 8.65 12.89 -2.77
C LEU C 53 7.64 12.82 -1.62
N LEU C 54 8.07 13.20 -0.43
CA LEU C 54 7.19 13.25 0.76
C LEU C 54 6.65 14.65 1.03
N ILE C 55 7.58 15.60 1.04
CA ILE C 55 7.32 17.00 1.40
C ILE C 55 8.08 17.88 0.42
N TYR C 56 7.43 18.94 -0.06
CA TYR C 56 8.13 19.94 -0.86
C TYR C 56 7.96 21.32 -0.27
N THR C 57 8.93 22.19 -0.54
CA THR C 57 8.90 23.57 -0.08
C THR C 57 8.71 23.62 1.45
N ALA C 58 9.53 22.82 2.13
CA ALA C 58 9.61 22.68 3.59
C ALA C 58 8.43 22.01 4.30
N SER C 59 7.21 22.34 3.91
CA SER C 59 6.04 21.93 4.65
C SER C 59 4.83 21.47 3.83
N SER C 60 4.87 21.55 2.50
CA SER C 60 3.73 21.12 1.69
C SER C 60 3.74 19.61 1.49
N GLN C 61 2.55 19.02 1.59
CA GLN C 61 2.39 17.58 1.61
C GLN C 61 2.47 17.05 0.19
N GLY C 62 3.32 16.06 -0.05
CA GLY C 62 3.36 15.36 -1.32
C GLY C 62 2.04 14.65 -1.59
N SER C 63 1.77 14.43 -2.89
CA SER C 63 0.58 13.68 -3.33
C SER C 63 0.47 12.32 -2.64
N GLY C 64 -0.67 12.09 -1.97
CA GLY C 64 -0.95 10.82 -1.30
C GLY C 64 -0.18 10.56 -0.01
N VAL C 65 0.56 11.55 0.50
CA VAL C 65 1.44 11.31 1.63
C VAL C 65 0.61 11.46 2.92
N PRO C 66 0.58 10.42 3.78
CA PRO C 66 -0.22 10.47 5.01
C PRO C 66 0.11 11.66 5.93
N ALA C 67 -0.89 12.12 6.69
CA ALA C 67 -0.74 13.26 7.59
C ALA C 67 0.29 13.06 8.70
N ARG C 68 0.61 11.80 9.02
CA ARG C 68 1.66 11.52 10.00
C ARG C 68 3.07 12.06 9.62
N PHE C 69 3.31 12.33 8.34
CA PHE C 69 4.53 12.99 7.86
C PHE C 69 4.31 14.49 7.86
N SER C 70 5.20 15.21 8.54
CA SER C 70 5.10 16.63 8.69
C SER C 70 6.46 17.28 8.51
N GLY C 71 6.55 18.24 7.60
CA GLY C 71 7.78 19.01 7.41
C GLY C 71 7.67 20.40 8.03
N SER C 72 8.76 20.89 8.59
CA SER C 72 8.80 22.24 9.12
C SER C 72 10.17 22.86 8.96
N GLY C 73 10.23 24.17 9.16
CA GLY C 73 11.48 24.90 9.21
C GLY C 73 11.58 25.95 8.14
N SER C 74 12.69 26.70 8.20
CA SER C 74 12.97 27.76 7.24
C SER C 74 14.43 28.13 7.38
N GLY C 75 14.92 28.88 6.39
CA GLY C 75 16.30 29.38 6.41
C GLY C 75 17.30 28.28 6.19
N THR C 76 17.95 27.84 7.27
CA THR C 76 18.93 26.77 7.24
C THR C 76 18.56 25.55 8.08
N ASP C 77 17.43 25.57 8.79
CA ASP C 77 17.12 24.53 9.78
C ASP C 77 15.75 23.93 9.51
N PHE C 78 15.71 22.64 9.19
CA PHE C 78 14.49 21.97 8.77
C PHE C 78 14.36 20.64 9.50
N SER C 79 13.11 20.20 9.68
CA SER C 79 12.81 18.94 10.33
C SER C 79 11.71 18.18 9.62
N LEU C 80 11.86 16.86 9.60
CA LEU C 80 10.77 15.96 9.21
C LEU C 80 10.36 15.21 10.47
N ASN C 81 9.07 15.27 10.77
CA ASN C 81 8.49 14.53 11.87
C ASN C 81 7.56 13.45 11.32
N ILE C 82 7.65 12.26 11.93
CA ILE C 82 6.76 11.15 11.60
C ILE C 82 6.14 10.72 12.90
N HIS C 83 4.83 10.90 13.02
CA HIS C 83 4.15 10.52 14.24
C HIS C 83 2.67 10.29 13.94
N PRO C 84 2.13 9.11 14.24
CA PRO C 84 2.81 7.95 14.82
C PRO C 84 3.60 7.10 13.81
N MET C 85 4.74 6.57 14.24
CA MET C 85 5.54 5.62 13.45
C MET C 85 4.74 4.34 13.10
N GLU C 86 4.69 3.99 11.82
CA GLU C 86 4.12 2.72 11.34
C GLU C 86 5.21 1.82 10.75
N GLU C 87 4.91 0.53 10.61
CA GLU C 87 5.87 -0.46 10.07
C GLU C 87 6.36 -0.05 8.69
N ASP C 88 5.46 0.45 7.86
CA ASP C 88 5.84 0.79 6.49
C ASP C 88 6.63 2.10 6.35
N ASP C 89 6.98 2.74 7.48
CA ASP C 89 7.78 3.95 7.47
C ASP C 89 9.29 3.69 7.56
N THR C 90 9.70 2.44 7.77
CA THR C 90 11.11 2.09 7.74
C THR C 90 11.63 2.32 6.32
N ALA C 91 12.69 3.12 6.23
CA ALA C 91 13.20 3.64 4.96
C ALA C 91 14.41 4.52 5.21
N MET C 92 15.09 4.90 4.13
CA MET C 92 16.05 5.99 4.14
C MET C 92 15.27 7.28 3.83
N TYR C 93 15.61 8.36 4.53
CA TYR C 93 15.00 9.66 4.30
C TYR C 93 16.10 10.64 3.91
N PHE C 94 15.87 11.40 2.83
CA PHE C 94 16.83 12.39 2.35
C PHE C 94 16.17 13.77 2.28
N CYS C 95 16.88 14.80 2.74
CA CYS C 95 16.51 16.17 2.44
C CYS C 95 17.25 16.60 1.17
N GLN C 96 16.71 17.61 0.49
CA GLN C 96 17.30 18.14 -0.73
C GLN C 96 16.97 19.61 -0.89
N GLN C 97 17.97 20.41 -1.22
CA GLN C 97 17.76 21.84 -1.45
C GLN C 97 17.57 22.06 -2.93
N SER C 98 16.64 22.96 -3.26
CA SER C 98 16.37 23.37 -4.63
C SER C 98 16.49 24.88 -4.82
N LYS C 99 17.25 25.52 -3.92
CA LYS C 99 17.54 26.97 -3.98
C LYS C 99 18.55 27.30 -5.10
N GLU C 100 19.63 26.51 -5.21
CA GLU C 100 20.73 26.77 -6.14
C GLU C 100 21.12 25.50 -6.87
N VAL C 101 21.54 25.63 -8.13
CA VAL C 101 22.20 24.54 -8.85
C VAL C 101 23.69 24.63 -8.46
N PRO C 102 24.41 23.51 -8.28
CA PRO C 102 23.89 22.15 -8.35
C PRO C 102 22.95 21.80 -7.21
N TYR C 103 21.88 21.11 -7.53
CA TYR C 103 20.98 20.56 -6.53
C TYR C 103 21.78 19.58 -5.68
N THR C 104 21.59 19.65 -4.37
CA THR C 104 22.33 18.80 -3.45
C THR C 104 21.41 18.18 -2.41
N PHE C 105 21.80 17.02 -1.94
CA PHE C 105 21.02 16.18 -1.03
C PHE C 105 21.78 16.00 0.27
N GLY C 106 21.05 15.81 1.36
CA GLY C 106 21.63 15.34 2.61
C GLY C 106 22.15 13.92 2.49
N GLY C 107 22.94 13.49 3.46
CA GLY C 107 23.55 12.15 3.42
C GLY C 107 22.59 11.01 3.72
N GLY C 108 21.39 11.31 4.18
CA GLY C 108 20.38 10.29 4.46
C GLY C 108 20.33 9.93 5.94
N THR C 109 19.13 9.59 6.39
CA THR C 109 18.88 9.10 7.73
C THR C 109 18.08 7.81 7.58
N LYS C 110 18.57 6.74 8.19
CA LYS C 110 17.93 5.44 8.14
C LYS C 110 16.98 5.30 9.34
N LEU C 111 15.69 5.14 9.07
CA LEU C 111 14.70 4.94 10.12
C LEU C 111 14.35 3.45 10.24
N GLU C 112 14.43 2.94 11.46
CA GLU C 112 14.23 1.53 11.78
C GLU C 112 13.18 1.39 12.87
N ILE C 113 12.64 0.19 13.03
CA ILE C 113 11.69 -0.10 14.10
C ILE C 113 12.45 -0.55 15.34
N LYS C 114 12.13 0.05 16.48
CA LYS C 114 12.71 -0.33 17.75
C LYS C 114 11.97 -1.54 18.29
N ARG C 115 12.73 -2.52 18.79
CA ARG C 115 12.16 -3.70 19.44
C ARG C 115 13.05 -4.11 20.60
N ALA C 116 12.63 -5.14 21.32
CA ALA C 116 13.41 -5.67 22.44
C ALA C 116 14.72 -6.27 21.97
N ASP C 117 15.72 -6.23 22.84
CA ASP C 117 17.02 -6.82 22.54
C ASP C 117 16.86 -8.32 22.31
N ALA C 118 17.69 -8.86 21.41
CA ALA C 118 17.70 -10.29 21.11
C ALA C 118 19.12 -10.73 20.78
N ALA C 119 19.57 -11.78 21.45
CA ALA C 119 20.92 -12.32 21.22
C ALA C 119 20.98 -13.05 19.89
N PRO C 120 22.14 -13.01 19.21
CA PRO C 120 22.27 -13.76 17.97
C PRO C 120 22.31 -15.27 18.17
N THR C 121 21.76 -16.00 17.21
CA THR C 121 21.93 -17.44 17.13
C THR C 121 23.10 -17.64 16.18
N VAL C 122 24.19 -18.19 16.70
CA VAL C 122 25.44 -18.32 15.93
C VAL C 122 25.66 -19.76 15.50
N SER C 123 26.06 -19.94 14.24
CA SER C 123 26.32 -21.26 13.65
C SER C 123 27.58 -21.18 12.81
N ILE C 124 28.49 -22.16 12.97
CA ILE C 124 29.72 -22.21 12.19
C ILE C 124 29.76 -23.47 11.30
N PHE C 125 30.35 -23.30 10.11
CA PHE C 125 30.41 -24.34 9.09
C PHE C 125 31.80 -24.46 8.52
N PRO C 126 32.37 -25.68 8.58
CA PRO C 126 33.64 -25.89 7.88
C PRO C 126 33.46 -25.84 6.37
N PRO C 127 34.55 -25.71 5.61
CA PRO C 127 34.50 -25.89 4.16
C PRO C 127 33.88 -27.24 3.79
N SER C 128 33.06 -27.24 2.74
CA SER C 128 32.49 -28.48 2.23
C SER C 128 33.58 -29.30 1.56
N SER C 129 33.43 -30.63 1.59
CA SER C 129 34.34 -31.50 0.84
C SER C 129 34.36 -31.09 -0.65
N GLU C 130 33.21 -30.70 -1.19
CA GLU C 130 33.14 -30.22 -2.57
C GLU C 130 34.08 -29.04 -2.85
N GLN C 131 34.07 -28.04 -1.98
CA GLN C 131 34.95 -26.87 -2.15
C GLN C 131 36.42 -27.27 -1.99
N LEU C 132 36.71 -28.09 -0.98
CA LEU C 132 38.09 -28.55 -0.72
C LEU C 132 38.62 -29.33 -1.90
N THR C 133 37.79 -30.22 -2.42
CA THR C 133 38.10 -30.98 -3.62
C THR C 133 38.40 -30.06 -4.82
N SER C 134 37.73 -28.91 -4.92
CA SER C 134 38.06 -27.89 -5.94
C SER C 134 39.28 -26.98 -5.65
N GLY C 135 39.90 -27.10 -4.47
CA GLY C 135 41.12 -26.36 -4.14
C GLY C 135 40.97 -25.12 -3.26
N GLY C 136 39.77 -24.85 -2.75
CA GLY C 136 39.48 -23.66 -1.96
C GLY C 136 38.96 -24.04 -0.60
N ALA C 137 38.84 -23.06 0.30
CA ALA C 137 38.31 -23.32 1.62
C ALA C 137 37.70 -22.05 2.17
N SER C 138 36.39 -22.07 2.38
CA SER C 138 35.66 -20.99 3.02
C SER C 138 35.02 -21.53 4.29
N VAL C 139 35.20 -20.81 5.39
CA VAL C 139 34.56 -21.13 6.66
C VAL C 139 33.48 -20.08 6.84
N VAL C 140 32.25 -20.52 7.10
CA VAL C 140 31.10 -19.63 7.17
C VAL C 140 30.54 -19.61 8.58
N CYS C 141 30.25 -18.39 9.06
CA CYS C 141 29.58 -18.18 10.33
C CYS C 141 28.31 -17.33 10.10
N PHE C 142 27.15 -17.84 10.52
CA PHE C 142 25.89 -17.08 10.51
C PHE C 142 25.60 -16.59 11.93
N LEU C 143 25.21 -15.33 12.03
CA LEU C 143 24.80 -14.72 13.28
C LEU C 143 23.42 -14.15 13.04
N ASN C 144 22.40 -14.90 13.48
CA ASN C 144 21.04 -14.66 13.01
C ASN C 144 20.08 -14.14 14.09
N ASN C 145 19.19 -13.25 13.64
CA ASN C 145 18.03 -12.78 14.39
C ASN C 145 18.41 -12.07 15.69
N PHE C 146 19.26 -11.06 15.56
CA PHE C 146 19.69 -10.28 16.72
C PHE C 146 19.18 -8.84 16.67
N TYR C 147 19.20 -8.18 17.83
CA TYR C 147 18.82 -6.78 17.93
C TYR C 147 19.47 -6.21 19.20
N PRO C 148 20.10 -5.02 19.17
CA PRO C 148 20.20 -4.12 18.03
C PRO C 148 21.25 -4.54 17.02
N LYS C 149 21.40 -3.73 15.97
CA LYS C 149 22.21 -4.11 14.80
C LYS C 149 23.72 -4.14 15.05
N ASP C 150 24.17 -3.44 16.10
CA ASP C 150 25.60 -3.28 16.38
C ASP C 150 26.16 -4.60 16.91
N ILE C 151 27.20 -5.09 16.25
CA ILE C 151 27.75 -6.41 16.58
C ILE C 151 29.20 -6.46 16.10
N ASN C 152 30.05 -7.15 16.86
CA ASN C 152 31.43 -7.36 16.47
C ASN C 152 31.63 -8.86 16.31
N VAL C 153 32.19 -9.26 15.18
CA VAL C 153 32.50 -10.65 14.90
C VAL C 153 34.02 -10.76 14.77
N LYS C 154 34.57 -11.72 15.49
CA LYS C 154 36.01 -11.95 15.49
C LYS C 154 36.26 -13.40 15.10
N TRP C 155 37.23 -13.61 14.21
CA TRP C 155 37.65 -14.96 13.83
C TRP C 155 38.95 -15.28 14.56
N LYS C 156 39.04 -16.50 15.10
CA LYS C 156 40.29 -17.02 15.67
C LYS C 156 40.65 -18.35 15.02
N ILE C 157 41.93 -18.48 14.65
CA ILE C 157 42.48 -19.71 14.10
C ILE C 157 43.54 -20.17 15.10
N ASP C 158 43.31 -21.33 15.72
CA ASP C 158 44.20 -21.87 16.77
C ASP C 158 44.54 -20.81 17.82
N GLY C 159 43.51 -20.10 18.27
CA GLY C 159 43.66 -19.08 19.29
C GLY C 159 44.11 -17.70 18.85
N SER C 160 44.55 -17.53 17.60
CA SER C 160 45.03 -16.24 17.11
C SER C 160 43.97 -15.54 16.26
N GLU C 161 43.72 -14.26 16.55
CA GLU C 161 42.76 -13.46 15.77
C GLU C 161 43.18 -13.35 14.31
N ARG C 162 42.22 -13.51 13.40
CA ARG C 162 42.44 -13.46 11.96
C ARG C 162 41.50 -12.39 11.38
N GLN C 163 42.08 -11.39 10.74
CA GLN C 163 41.31 -10.34 10.06
C GLN C 163 41.29 -10.48 8.54
N ASN C 164 42.43 -10.86 7.94
CA ASN C 164 42.51 -10.98 6.48
C ASN C 164 41.73 -12.15 5.94
N GLY C 165 41.06 -11.93 4.81
CA GLY C 165 40.25 -12.96 4.16
C GLY C 165 38.82 -13.04 4.65
N VAL C 166 38.41 -12.13 5.53
CA VAL C 166 37.05 -12.12 6.09
C VAL C 166 36.18 -11.20 5.25
N LEU C 167 35.02 -11.70 4.81
CA LEU C 167 34.01 -10.87 4.15
C LEU C 167 32.69 -11.03 4.87
N ASN C 168 32.05 -9.90 5.15
CA ASN C 168 30.80 -9.86 5.92
C ASN C 168 29.66 -9.33 5.04
N SER C 169 28.44 -9.78 5.34
CA SER C 169 27.23 -9.33 4.67
C SER C 169 26.10 -9.30 5.71
N TRP C 170 25.21 -8.32 5.58
CA TRP C 170 24.17 -8.05 6.56
C TRP C 170 22.82 -7.98 5.85
N THR C 171 21.77 -8.53 6.47
CA THR C 171 20.41 -8.35 5.97
C THR C 171 19.83 -7.08 6.56
N ASP C 172 18.81 -6.51 5.93
N ASP C 172 18.81 -6.54 5.91
CA ASP C 172 18.08 -5.37 6.52
CA ASP C 172 18.00 -5.44 6.43
C ASP C 172 17.10 -5.98 7.54
C ASP C 172 17.09 -6.00 7.53
N GLN C 173 16.48 -5.11 8.30
CA GLN C 173 15.55 -5.49 9.35
C GLN C 173 14.43 -6.44 8.86
N ASP C 174 14.25 -7.55 9.55
CA ASP C 174 13.32 -8.61 9.16
C ASP C 174 11.88 -8.13 9.21
N SER C 175 11.11 -8.47 8.17
CA SER C 175 9.71 -8.06 8.05
C SER C 175 8.81 -8.65 9.14
N LYS C 176 9.10 -9.87 9.60
CA LYS C 176 8.28 -10.50 10.65
C LYS C 176 8.69 -10.07 12.07
N ASP C 177 9.98 -10.20 12.41
CA ASP C 177 10.41 -10.00 13.81
C ASP C 177 11.32 -8.78 14.08
N SER C 178 11.62 -7.98 13.06
CA SER C 178 12.39 -6.74 13.21
C SER C 178 13.85 -6.92 13.70
N THR C 179 14.39 -8.13 13.54
CA THR C 179 15.78 -8.41 13.86
C THR C 179 16.69 -8.27 12.65
N TYR C 180 17.98 -8.31 12.92
CA TYR C 180 19.03 -8.27 11.92
C TYR C 180 19.73 -9.63 11.88
N SER C 181 20.33 -9.93 10.74
CA SER C 181 21.19 -11.11 10.62
C SER C 181 22.45 -10.76 9.86
N MET C 182 23.47 -11.58 10.04
CA MET C 182 24.78 -11.34 9.46
C MET C 182 25.43 -12.67 9.08
N SER C 183 26.21 -12.62 8.01
CA SER C 183 27.02 -13.74 7.57
C SER C 183 28.46 -13.26 7.53
N SER C 184 29.38 -14.06 8.05
CA SER C 184 30.79 -13.75 8.01
C SER C 184 31.49 -14.96 7.42
N THR C 185 32.30 -14.75 6.39
CA THR C 185 32.98 -15.82 5.69
C THR C 185 34.49 -15.57 5.71
N LEU C 186 35.23 -16.56 6.20
CA LEU C 186 36.69 -16.53 6.17
C LEU C 186 37.15 -17.40 5.01
N THR C 187 37.79 -16.81 4.01
CA THR C 187 38.24 -17.56 2.87
C THR C 187 39.77 -17.60 2.89
N LEU C 188 40.31 -18.80 2.74
CA LEU C 188 41.75 -19.02 2.71
C LEU C 188 42.05 -20.12 1.70
N THR C 189 43.35 -20.29 1.40
CA THR C 189 43.76 -21.39 0.54
C THR C 189 43.50 -22.71 1.25
N LYS C 190 43.23 -23.75 0.49
CA LYS C 190 43.13 -25.10 1.04
C LYS C 190 44.41 -25.45 1.82
N ASP C 191 45.57 -25.04 1.30
CA ASP C 191 46.86 -25.27 1.97
C ASP C 191 46.89 -24.63 3.34
N GLU C 192 46.52 -23.36 3.42
CA GLU C 192 46.49 -22.67 4.73
C GLU C 192 45.44 -23.27 5.64
N TYR C 193 44.25 -23.59 5.11
CA TYR C 193 43.20 -24.19 5.92
C TYR C 193 43.68 -25.49 6.60
N GLU C 194 44.42 -26.31 5.86
CA GLU C 194 44.91 -27.60 6.36
C GLU C 194 46.11 -27.52 7.31
N ARG C 195 46.69 -26.33 7.50
CA ARG C 195 47.78 -26.13 8.47
C ARG C 195 47.27 -25.86 9.88
N HIS C 196 45.95 -25.68 10.05
CA HIS C 196 45.39 -25.32 11.34
C HIS C 196 44.32 -26.32 11.76
N ASN C 197 44.03 -26.36 13.06
CA ASN C 197 43.03 -27.27 13.62
C ASN C 197 41.75 -26.55 14.06
N SER C 198 41.91 -25.56 14.93
CA SER C 198 40.79 -24.92 15.62
C SER C 198 40.32 -23.66 14.87
N TYR C 199 39.04 -23.59 14.54
CA TYR C 199 38.44 -22.43 13.88
C TYR C 199 37.29 -21.94 14.73
N THR C 200 37.30 -20.65 15.05
CA THR C 200 36.38 -20.06 15.98
C THR C 200 35.77 -18.77 15.39
N CYS C 201 34.44 -18.66 15.54
CA CYS C 201 33.68 -17.46 15.24
C CYS C 201 33.18 -16.92 16.59
N GLU C 202 33.56 -15.70 16.97
CA GLU C 202 33.16 -15.06 18.24
C GLU C 202 32.33 -13.80 18.01
N ALA C 203 31.14 -13.75 18.61
CA ALA C 203 30.24 -12.61 18.46
C ALA C 203 30.13 -11.82 19.77
N THR C 204 30.47 -10.53 19.72
CA THR C 204 30.25 -9.61 20.84
C THR C 204 29.03 -8.74 20.50
N HIS C 205 28.05 -8.79 21.38
CA HIS C 205 26.78 -8.08 21.24
C HIS C 205 26.33 -7.64 22.64
N LYS C 206 25.57 -6.55 22.71
CA LYS C 206 25.21 -5.98 24.02
C LYS C 206 24.33 -6.88 24.89
N THR C 207 23.72 -7.91 24.32
CA THR C 207 22.93 -8.89 25.09
C THR C 207 23.74 -9.81 26.02
N SER C 208 25.07 -9.78 25.94
CA SER C 208 25.91 -10.56 26.85
C SER C 208 27.24 -9.87 27.09
N THR C 209 27.75 -10.00 28.31
CA THR C 209 29.06 -9.47 28.66
C THR C 209 30.17 -10.32 28.03
N SER C 210 29.93 -11.62 27.89
CA SER C 210 30.89 -12.53 27.27
C SER C 210 30.48 -12.83 25.82
N PRO C 211 31.47 -13.01 24.92
CA PRO C 211 31.12 -13.36 23.53
C PRO C 211 30.42 -14.72 23.39
N ILE C 212 29.59 -14.86 22.37
CA ILE C 212 29.07 -16.18 21.96
C ILE C 212 30.14 -16.79 21.06
N VAL C 213 30.59 -17.98 21.41
CA VAL C 213 31.72 -18.62 20.75
C VAL C 213 31.23 -19.90 20.12
N LYS C 214 31.46 -20.06 18.81
CA LYS C 214 31.19 -21.31 18.11
C LYS C 214 32.48 -21.72 17.43
N SER C 215 32.80 -23.01 17.53
CA SER C 215 34.05 -23.53 17.00
C SER C 215 33.91 -24.91 16.41
N PHE C 216 34.91 -25.30 15.64
CA PHE C 216 35.13 -26.68 15.30
C PHE C 216 36.64 -26.95 15.21
N ASN C 217 36.99 -28.24 15.29
CA ASN C 217 38.36 -28.69 15.13
C ASN C 217 38.39 -29.52 13.86
N ARG C 218 39.32 -29.21 12.96
CA ARG C 218 39.40 -29.88 11.67
C ARG C 218 39.61 -31.39 11.81
N ASN C 219 40.20 -31.83 12.92
CA ASN C 219 40.32 -33.26 13.25
C ASN C 219 38.98 -33.96 13.47
N GLU C 220 38.18 -33.42 14.39
CA GLU C 220 37.00 -34.11 14.93
C GLU C 220 35.85 -34.30 13.93
N LEU D 5 11.96 60.03 -7.74
CA LEU D 5 12.61 59.28 -8.87
C LEU D 5 13.30 58.00 -8.36
N PRO D 6 12.76 56.80 -8.72
CA PRO D 6 13.37 55.57 -8.23
C PRO D 6 14.78 55.28 -8.75
N LEU D 7 15.61 54.66 -7.90
CA LEU D 7 16.96 54.24 -8.26
C LEU D 7 16.94 52.79 -8.73
N LEU D 8 17.63 52.54 -9.85
CA LEU D 8 17.75 51.20 -10.43
C LEU D 8 19.22 50.80 -10.46
N CYS D 9 19.49 49.55 -10.10
CA CYS D 9 20.84 49.04 -9.92
C CYS D 9 20.94 47.61 -10.44
N THR D 10 22.01 47.34 -11.20
CA THR D 10 22.34 46.01 -11.68
C THR D 10 23.68 45.61 -11.09
N LEU D 11 23.73 44.51 -10.33
CA LEU D 11 24.98 43.96 -9.80
C LEU D 11 25.37 42.68 -10.54
N ASN D 12 26.66 42.56 -10.88
CA ASN D 12 27.22 41.38 -11.58
C ASN D 12 26.47 41.04 -12.89
N LYS D 13 25.93 42.07 -13.54
CA LYS D 13 25.10 41.94 -14.75
C LYS D 13 23.88 40.99 -14.69
N SER D 14 23.57 40.42 -13.51
CA SER D 14 22.52 39.41 -13.36
C SER D 14 21.46 39.72 -12.29
N HIS D 15 21.81 40.49 -11.25
CA HIS D 15 20.90 40.76 -10.14
C HIS D 15 20.38 42.20 -10.21
N LEU D 16 19.06 42.33 -10.23
CA LEU D 16 18.38 43.60 -10.48
C LEU D 16 17.69 44.10 -9.22
N TYR D 17 17.85 45.39 -8.95
CA TYR D 17 17.30 46.02 -7.75
C TYR D 17 16.66 47.36 -8.11
N ILE D 18 15.62 47.72 -7.36
CA ILE D 18 14.94 49.00 -7.52
C ILE D 18 14.55 49.53 -6.13
N LYS D 19 14.68 50.85 -5.94
CA LYS D 19 14.40 51.49 -4.66
C LYS D 19 13.68 52.82 -4.89
N GLY D 20 12.68 53.08 -4.05
CA GLY D 20 11.92 54.33 -4.07
C GLY D 20 11.29 54.55 -2.71
N GLY D 21 11.62 55.67 -2.07
CA GLY D 21 11.17 55.94 -0.71
C GLY D 21 11.64 54.88 0.27
N ASN D 22 10.73 54.40 1.12
CA ASN D 22 11.02 53.38 2.12
C ASN D 22 10.91 51.92 1.57
N ALA D 23 10.80 51.76 0.25
CA ALA D 23 10.67 50.43 -0.35
C ALA D 23 11.84 50.11 -1.28
N SER D 24 12.26 48.85 -1.28
CA SER D 24 13.20 48.37 -2.28
C SER D 24 12.94 46.92 -2.58
N PHE D 25 13.08 46.58 -3.86
CA PHE D 25 12.80 45.25 -4.37
C PHE D 25 14.02 44.68 -5.07
N GLN D 26 14.10 43.36 -5.05
CA GLN D 26 14.91 42.63 -6.00
C GLN D 26 13.98 42.07 -7.07
N ILE D 27 14.41 42.16 -8.32
CA ILE D 27 13.62 41.70 -9.46
C ILE D 27 14.38 40.53 -10.09
N SER D 28 13.67 39.42 -10.28
CA SER D 28 14.28 38.20 -10.83
C SER D 28 13.32 37.51 -11.78
N PHE D 29 13.87 36.67 -12.64
CA PHE D 29 13.13 35.98 -13.67
C PHE D 29 13.54 34.51 -13.64
N ASP D 30 12.59 33.62 -13.42
CA ASP D 30 12.83 32.18 -13.51
C ASP D 30 11.48 31.48 -13.62
N ASP D 31 11.52 30.16 -13.73
CA ASP D 31 10.30 29.39 -13.98
C ASP D 31 9.49 28.99 -12.73
N ILE D 32 9.84 29.53 -11.54
CA ILE D 32 9.11 29.18 -10.33
C ILE D 32 7.79 29.95 -10.26
N ALA D 33 6.67 29.21 -10.26
CA ALA D 33 5.37 29.82 -10.04
C ALA D 33 5.10 29.94 -8.53
N VAL D 34 5.54 31.05 -7.96
CA VAL D 34 5.37 31.33 -6.53
C VAL D 34 3.89 31.58 -6.25
N LEU D 35 3.26 32.37 -7.12
CA LEU D 35 1.86 32.71 -7.02
C LEU D 35 1.07 32.04 -8.15
N LEU D 36 -0.18 31.70 -7.84
CA LEU D 36 -1.10 31.10 -8.81
C LEU D 36 -2.44 31.83 -8.74
N PRO D 37 -3.13 31.98 -9.88
CA PRO D 37 -4.39 32.76 -9.91
C PRO D 37 -5.51 32.23 -8.99
N GLN D 38 -5.55 30.92 -8.76
CA GLN D 38 -6.55 30.33 -7.86
C GLN D 38 -6.31 30.56 -6.36
N TYR D 39 -5.09 30.91 -5.96
CA TYR D 39 -4.77 31.16 -4.55
C TYR D 39 -4.50 32.62 -4.19
N ASP D 40 -3.98 33.42 -5.13
CA ASP D 40 -3.44 34.73 -4.82
C ASP D 40 -4.26 35.86 -5.48
N VAL D 41 -3.84 37.11 -5.25
CA VAL D 41 -4.63 38.27 -5.66
C VAL D 41 -4.34 38.67 -7.11
N ILE D 42 -5.39 38.79 -7.91
CA ILE D 42 -5.27 39.17 -9.33
C ILE D 42 -5.32 40.70 -9.44
N ILE D 43 -4.35 41.27 -10.15
CA ILE D 43 -4.20 42.72 -10.30
C ILE D 43 -4.44 43.15 -11.75
N GLN D 44 -5.58 43.79 -12.00
CA GLN D 44 -5.90 44.38 -13.30
C GLN D 44 -5.77 45.90 -13.34
N HIS D 45 -5.95 46.55 -12.19
CA HIS D 45 -5.88 48.01 -12.08
C HIS D 45 -5.01 48.36 -10.87
N PRO D 46 -4.31 49.52 -10.88
CA PRO D 46 -3.47 49.92 -9.74
C PRO D 46 -4.14 49.84 -8.36
N ALA D 47 -5.43 50.17 -8.30
CA ALA D 47 -6.20 50.16 -7.05
C ALA D 47 -6.39 48.76 -6.44
N ASP D 48 -6.35 47.72 -7.27
CA ASP D 48 -6.37 46.34 -6.77
C ASP D 48 -5.15 46.04 -5.86
N MET D 49 -4.06 46.77 -6.05
CA MET D 49 -2.83 46.57 -5.28
C MET D 49 -2.87 46.96 -3.80
N SER D 50 -3.97 47.55 -3.31
CA SER D 50 -4.11 47.82 -1.86
C SER D 50 -4.15 46.53 -1.02
N TRP D 51 -4.54 45.42 -1.63
CA TRP D 51 -4.47 44.10 -1.00
C TRP D 51 -3.07 43.44 -1.01
N CYS D 52 -2.10 44.02 -1.71
CA CYS D 52 -0.72 43.48 -1.79
C CYS D 52 0.19 43.89 -0.64
N SER D 53 -0.09 45.02 0.00
CA SER D 53 0.79 45.56 1.01
C SER D 53 0.09 46.52 1.96
N LYS D 54 0.60 46.58 3.19
CA LYS D 54 0.28 47.63 4.15
C LYS D 54 1.17 48.86 3.95
N SER D 55 2.22 48.73 3.12
CA SER D 55 3.16 49.82 2.84
C SER D 55 2.77 50.55 1.56
N ASP D 56 2.44 51.84 1.70
CA ASP D 56 2.09 52.68 0.54
C ASP D 56 3.27 52.88 -0.41
N ASP D 57 4.49 52.93 0.13
CA ASP D 57 5.69 53.00 -0.70
C ASP D 57 5.90 51.75 -1.57
N GLN D 58 5.65 50.57 -1.00
CA GLN D 58 5.75 49.32 -1.77
C GLN D 58 4.77 49.32 -2.92
N ILE D 59 3.53 49.75 -2.64
CA ILE D 59 2.49 49.83 -3.68
C ILE D 59 2.89 50.82 -4.78
N TRP D 60 3.35 52.00 -4.36
CA TRP D 60 3.74 53.03 -5.32
C TRP D 60 4.92 52.60 -6.20
N LEU D 61 5.94 52.00 -5.58
CA LEU D 61 7.09 51.51 -6.34
C LEU D 61 6.70 50.44 -7.36
N SER D 62 5.80 49.53 -6.97
CA SER D 62 5.30 48.49 -7.87
C SER D 62 4.62 49.08 -9.10
N GLN D 63 3.78 50.08 -8.85
CA GLN D 63 3.03 50.75 -9.92
C GLN D 63 3.99 51.53 -10.83
N TRP D 64 4.95 52.23 -10.22
CA TRP D 64 5.97 52.95 -10.99
C TRP D 64 6.72 52.00 -11.91
N PHE D 65 7.15 50.86 -11.37
CA PHE D 65 7.88 49.87 -12.15
C PHE D 65 7.09 49.37 -13.35
N MET D 66 5.84 48.96 -13.11
CA MET D 66 5.01 48.44 -14.20
C MET D 66 4.72 49.50 -15.27
N ASN D 67 4.43 50.74 -14.86
CA ASN D 67 4.29 51.85 -15.80
C ASN D 67 5.58 52.05 -16.62
N ALA D 68 6.73 52.06 -15.94
CA ALA D 68 8.03 52.27 -16.57
C ALA D 68 8.42 51.20 -17.61
N VAL D 69 8.06 49.94 -17.37
CA VAL D 69 8.32 48.87 -18.37
C VAL D 69 7.30 48.81 -19.50
N GLY D 70 6.22 49.60 -19.39
CA GLY D 70 5.23 49.73 -20.45
C GLY D 70 4.03 48.83 -20.28
N HIS D 71 3.74 48.41 -19.04
CA HIS D 71 2.52 47.67 -18.75
C HIS D 71 1.32 48.60 -18.95
N ASP D 72 0.42 48.21 -19.85
CA ASP D 72 -0.84 48.90 -20.07
C ASP D 72 -1.89 48.20 -19.22
N TRP D 73 -2.28 48.86 -18.12
CA TRP D 73 -3.17 48.25 -17.13
C TRP D 73 -4.52 47.83 -17.76
N HIS D 74 -5.00 48.61 -18.73
CA HIS D 74 -6.27 48.35 -19.39
C HIS D 74 -6.20 47.18 -20.37
N LEU D 75 -5.17 47.14 -21.21
CA LEU D 75 -5.10 46.17 -22.31
C LEU D 75 -4.30 44.88 -22.00
N ASP D 76 -3.21 45.01 -21.25
CA ASP D 76 -2.28 43.88 -21.05
C ASP D 76 -2.79 42.85 -20.03
N PRO D 77 -2.20 41.63 -20.01
CA PRO D 77 -2.70 40.61 -19.07
C PRO D 77 -2.56 41.02 -17.61
N PRO D 78 -3.46 40.55 -16.73
CA PRO D 78 -3.29 40.84 -15.32
C PRO D 78 -2.10 40.08 -14.71
N PHE D 79 -1.61 40.56 -13.59
CA PHE D 79 -0.53 39.87 -12.87
C PHE D 79 -1.02 39.54 -11.45
N LEU D 80 -0.14 39.02 -10.60
CA LEU D 80 -0.52 38.49 -9.30
C LEU D 80 0.31 39.11 -8.20
N CYS D 81 -0.28 39.24 -7.01
CA CYS D 81 0.48 39.56 -5.81
C CYS D 81 -0.02 38.71 -4.64
N ARG D 82 0.82 38.57 -3.62
CA ARG D 82 0.43 37.86 -2.42
C ARG D 82 -0.41 38.79 -1.56
N ASN D 83 -1.55 38.28 -1.11
CA ASN D 83 -2.45 39.00 -0.21
C ASN D 83 -1.68 39.43 1.06
N ARG D 84 -1.81 40.71 1.43
CA ARG D 84 -1.10 41.27 2.62
C ARG D 84 -1.44 40.58 3.95
N THR D 85 -2.58 39.91 4.02
CA THR D 85 -2.98 39.15 5.22
C THR D 85 -2.20 37.84 5.42
N LYS D 86 -1.52 37.34 4.40
CA LYS D 86 -0.66 36.15 4.54
C LYS D 86 0.64 36.52 5.24
N THR D 87 1.27 35.55 5.88
CA THR D 87 2.51 35.82 6.65
C THR D 87 3.80 35.80 5.82
N GLU D 88 3.77 35.22 4.62
CA GLU D 88 5.00 35.02 3.84
C GLU D 88 5.65 36.32 3.35
N GLY D 89 4.84 37.35 3.11
CA GLY D 89 5.36 38.70 2.83
C GLY D 89 5.04 39.16 1.41
N PHE D 90 5.39 40.42 1.15
CA PHE D 90 5.08 41.07 -0.12
C PHE D 90 5.74 40.35 -1.30
N ILE D 91 4.99 40.14 -2.38
CA ILE D 91 5.58 39.73 -3.65
C ILE D 91 4.58 39.95 -4.78
N PHE D 92 5.05 40.42 -5.93
CA PHE D 92 4.24 40.35 -7.15
C PHE D 92 4.98 39.59 -8.24
N GLN D 93 4.18 39.04 -9.15
CA GLN D 93 4.64 38.07 -10.14
C GLN D 93 3.98 38.35 -11.49
N VAL D 94 4.81 38.52 -12.51
CA VAL D 94 4.36 38.83 -13.87
C VAL D 94 4.82 37.72 -14.80
N ASN D 95 3.91 37.27 -15.66
CA ASN D 95 4.23 36.25 -16.65
C ASN D 95 4.86 36.89 -17.89
N THR D 96 6.17 36.72 -18.02
CA THR D 96 6.92 37.29 -19.14
C THR D 96 7.41 36.18 -20.10
N SER D 97 6.67 35.07 -20.13
CA SER D 97 7.02 33.92 -20.97
C SER D 97 6.83 34.29 -22.45
N LYS D 98 7.91 34.14 -23.22
CA LYS D 98 7.93 34.50 -24.63
C LYS D 98 7.35 33.34 -25.43
N THR D 99 6.03 33.18 -25.34
CA THR D 99 5.35 31.98 -25.84
C THR D 99 3.84 32.17 -25.99
N GLY D 100 3.27 31.61 -27.06
CA GLY D 100 1.83 31.61 -27.30
C GLY D 100 1.16 32.96 -27.28
N VAL D 101 -0.01 33.06 -26.63
CA VAL D 101 -0.77 34.32 -26.54
C VAL D 101 0.01 35.41 -25.78
N ASN D 102 0.95 35.01 -24.92
CA ASN D 102 1.75 35.95 -24.12
C ASN D 102 2.92 36.60 -24.88
N GLU D 103 3.25 36.11 -26.09
CA GLU D 103 4.47 36.55 -26.81
C GLU D 103 4.55 38.04 -27.04
N ASN D 104 3.46 38.67 -27.48
CA ASN D 104 3.45 40.12 -27.72
C ASN D 104 3.78 40.90 -26.45
N TYR D 105 3.10 40.55 -25.36
CA TYR D 105 3.32 41.19 -24.07
C TYR D 105 4.76 40.97 -23.57
N ALA D 106 5.25 39.74 -23.73
CA ALA D 106 6.62 39.38 -23.37
C ALA D 106 7.67 40.18 -24.13
N LYS D 107 7.48 40.33 -25.45
CA LYS D 107 8.37 41.17 -26.28
C LYS D 107 8.37 42.62 -25.81
N LYS D 108 7.19 43.15 -25.50
CA LYS D 108 7.10 44.52 -25.00
C LYS D 108 7.77 44.67 -23.64
N PHE D 109 7.54 43.71 -22.75
CA PHE D 109 8.18 43.69 -21.43
C PHE D 109 9.71 43.65 -21.57
N LYS D 110 10.22 42.81 -22.47
CA LYS D 110 11.67 42.74 -22.77
C LYS D 110 12.24 44.09 -23.18
N THR D 111 11.55 44.78 -24.09
CA THR D 111 11.95 46.12 -24.54
C THR D 111 11.98 47.10 -23.37
N GLY D 112 10.94 47.07 -22.55
CA GLY D 112 10.86 47.91 -21.35
C GLY D 112 12.01 47.65 -20.39
N MET D 113 12.31 46.37 -20.15
CA MET D 113 13.42 45.97 -19.29
C MET D 113 14.79 46.42 -19.84
N HIS D 114 14.98 46.32 -21.15
CA HIS D 114 16.21 46.77 -21.79
C HIS D 114 16.39 48.29 -21.65
N HIS D 115 15.29 49.05 -21.70
CA HIS D 115 15.30 50.49 -21.45
C HIS D 115 15.66 50.82 -19.99
N LEU D 116 15.13 50.06 -19.03
CA LEU D 116 15.38 50.32 -17.60
C LEU D 116 16.74 49.79 -17.13
N TYR D 117 17.07 48.58 -17.55
CA TYR D 117 18.32 47.91 -17.18
C TYR D 117 19.05 47.52 -18.47
N ARG D 118 19.88 48.42 -18.97
CA ARG D 118 20.60 48.19 -20.24
C ARG D 118 21.41 46.90 -20.23
N GLU D 119 22.17 46.69 -19.16
CA GLU D 119 23.18 45.62 -19.08
C GLU D 119 22.64 44.27 -18.53
N TYR D 120 21.32 44.06 -18.56
CA TYR D 120 20.72 42.77 -18.14
C TYR D 120 20.42 41.92 -19.37
N PRO D 121 20.98 40.69 -19.45
CA PRO D 121 20.68 39.81 -20.58
C PRO D 121 19.33 39.10 -20.38
N ASP D 122 18.62 38.89 -21.49
CA ASP D 122 17.26 38.31 -21.44
C ASP D 122 17.31 36.82 -21.14
N SER D 123 16.82 36.44 -19.96
CA SER D 123 16.69 35.03 -19.56
C SER D 123 15.37 34.39 -20.02
N CYS D 124 14.41 35.18 -20.49
CA CYS D 124 13.13 34.65 -20.96
C CYS D 124 13.20 34.30 -22.46
N LEU D 125 13.62 33.06 -22.74
CA LEU D 125 13.86 32.59 -24.09
C LEU D 125 12.61 31.99 -24.74
N ASN D 126 12.64 31.90 -26.07
CA ASN D 126 11.52 31.41 -26.87
C ASN D 126 10.96 30.10 -26.30
N GLY D 127 9.68 30.10 -25.97
CA GLY D 127 8.96 28.90 -25.51
C GLY D 127 9.04 28.56 -24.02
N LYS D 128 9.92 29.23 -23.28
CA LYS D 128 10.23 28.84 -21.89
C LYS D 128 9.27 29.52 -20.92
N LEU D 129 8.89 28.82 -19.87
CA LEU D 129 8.13 29.45 -18.77
C LEU D 129 9.06 30.42 -18.05
N CYS D 130 8.66 31.68 -17.95
CA CYS D 130 9.50 32.72 -17.35
C CYS D 130 8.61 33.70 -16.61
N LEU D 131 8.78 33.75 -15.29
CA LEU D 131 7.89 34.52 -14.42
C LEU D 131 8.76 35.48 -13.64
N MET D 132 8.50 36.77 -13.82
CA MET D 132 9.19 37.79 -13.07
C MET D 132 8.61 37.84 -11.67
N LYS D 133 9.49 37.90 -10.67
CA LYS D 133 9.09 38.13 -9.29
C LYS D 133 9.78 39.37 -8.79
N ALA D 134 9.03 40.22 -8.10
CA ALA D 134 9.57 41.35 -7.39
C ALA D 134 9.29 41.14 -5.92
N GLN D 135 10.35 41.14 -5.09
CA GLN D 135 10.22 40.88 -3.66
C GLN D 135 11.02 41.89 -2.85
N PRO D 136 10.71 42.05 -1.55
CA PRO D 136 11.50 42.98 -0.74
C PRO D 136 12.92 42.52 -0.58
N THR D 137 13.83 43.48 -0.51
CA THR D 137 15.21 43.22 -0.20
C THR D 137 15.81 44.44 0.48
N SER D 138 16.87 44.23 1.26
CA SER D 138 17.70 45.35 1.73
C SER D 138 18.44 45.90 0.52
N TRP D 139 18.55 47.22 0.44
CA TRP D 139 19.27 47.86 -0.66
C TRP D 139 20.74 47.46 -0.56
N PRO D 140 21.30 46.79 -1.61
CA PRO D 140 22.69 46.35 -1.50
C PRO D 140 23.69 47.50 -1.27
N LEU D 141 24.69 47.25 -0.43
CA LEU D 141 25.73 48.23 -0.13
C LEU D 141 26.54 48.62 -1.38
N GLN D 142 26.68 47.69 -2.34
CA GLN D 142 27.40 47.97 -3.58
C GLN D 142 26.59 48.78 -4.61
N CYS D 143 25.29 48.97 -4.37
CA CYS D 143 24.46 49.86 -5.20
C CYS D 143 24.58 51.32 -4.73
N PRO D 144 24.40 52.29 -5.64
CA PRO D 144 24.45 53.71 -5.28
C PRO D 144 23.18 54.21 -4.59
N LEU D 145 23.22 55.43 -4.03
CA LEU D 145 22.05 56.09 -3.42
C LEU D 145 21.49 57.32 -4.19
N ASP D 146 22.10 57.67 -5.32
CA ASP D 146 21.56 58.72 -6.20
C ASP D 146 22.02 58.47 -7.62
N THR E 2 -33.87 -19.96 12.92
CA THR E 2 -33.59 -20.39 14.32
C THR E 2 -32.55 -21.51 14.33
N GLY E 3 -31.64 -21.46 15.30
CA GLY E 3 -30.48 -22.36 15.34
C GLY E 3 -29.21 -21.72 14.78
N ASP E 4 -29.35 -20.88 13.75
CA ASP E 4 -28.18 -20.20 13.15
C ASP E 4 -27.58 -19.19 14.13
N ILE E 5 -26.25 -19.11 14.18
CA ILE E 5 -25.58 -18.18 15.08
C ILE E 5 -25.73 -16.77 14.50
N VAL E 6 -26.18 -15.84 15.34
CA VAL E 6 -26.39 -14.45 14.94
C VAL E 6 -25.27 -13.62 15.56
N LEU E 7 -24.64 -12.78 14.74
CA LEU E 7 -23.58 -11.88 15.20
C LEU E 7 -24.10 -10.46 15.12
N THR E 8 -23.98 -9.73 16.24
CA THR E 8 -24.41 -8.35 16.34
C THR E 8 -23.18 -7.48 16.53
N GLN E 9 -22.90 -6.65 15.52
CA GLN E 9 -21.79 -5.71 15.57
C GLN E 9 -22.27 -4.38 16.04
N SER E 10 -21.43 -3.67 16.77
CA SER E 10 -21.69 -2.28 17.09
C SER E 10 -20.40 -1.49 17.23
N PRO E 11 -20.45 -0.19 16.93
CA PRO E 11 -21.61 0.47 16.33
C PRO E 11 -21.73 0.17 14.84
N ALA E 12 -22.82 0.61 14.21
CA ALA E 12 -23.00 0.44 12.76
C ALA E 12 -22.03 1.30 11.96
N SER E 13 -21.71 2.46 12.52
CA SER E 13 -20.67 3.29 11.94
C SER E 13 -19.99 4.09 13.02
N LEU E 14 -18.78 4.50 12.72
CA LEU E 14 -17.90 5.10 13.70
C LEU E 14 -16.99 6.08 12.99
N ALA E 15 -16.85 7.31 13.52
CA ALA E 15 -15.89 8.26 12.98
C ALA E 15 -14.80 8.48 14.01
N VAL E 16 -13.56 8.33 13.60
CA VAL E 16 -12.41 8.38 14.51
C VAL E 16 -11.40 9.38 13.98
N SER E 17 -10.82 10.19 14.85
CA SER E 17 -9.77 11.12 14.46
C SER E 17 -8.49 10.35 14.17
N LEU E 18 -7.73 10.82 13.18
CA LEU E 18 -6.44 10.24 12.85
C LEU E 18 -5.58 10.23 14.09
N GLY E 19 -4.92 9.10 14.36
CA GLY E 19 -4.07 8.95 15.53
C GLY E 19 -4.75 8.36 16.74
N GLN E 20 -6.09 8.33 16.74
CA GLN E 20 -6.88 7.89 17.89
C GLN E 20 -7.37 6.45 17.73
N ARG E 21 -8.12 5.96 18.71
CA ARG E 21 -8.52 4.56 18.77
C ARG E 21 -9.90 4.34 18.21
N ALA E 22 -10.03 3.31 17.36
CA ALA E 22 -11.35 2.79 16.95
C ALA E 22 -11.57 1.45 17.64
N THR E 23 -12.75 1.27 18.25
CA THR E 23 -13.11 -0.01 18.86
C THR E 23 -14.45 -0.46 18.31
N ILE E 24 -14.45 -1.68 17.76
CA ILE E 24 -15.64 -2.29 17.18
C ILE E 24 -15.92 -3.57 17.97
N SER E 25 -17.19 -3.77 18.32
CA SER E 25 -17.64 -4.93 19.11
C SER E 25 -18.44 -5.88 18.26
N CYS E 26 -18.34 -7.16 18.59
CA CYS E 26 -19.11 -8.24 17.98
C CYS E 26 -19.60 -9.16 19.10
N ARG E 27 -20.92 -9.32 19.21
CA ARG E 27 -21.52 -10.26 20.17
C ARG E 27 -22.21 -11.37 19.40
N ALA E 28 -21.88 -12.61 19.75
CA ALA E 28 -22.42 -13.82 19.14
C ALA E 28 -23.56 -14.36 20.01
N SER E 29 -24.59 -14.91 19.37
CA SER E 29 -25.76 -15.45 20.09
C SER E 29 -25.44 -16.74 20.87
N GLU E 30 -24.33 -17.39 20.54
CA GLU E 30 -23.81 -18.49 21.33
C GLU E 30 -22.32 -18.55 21.26
N SER E 31 -21.73 -19.33 22.15
CA SER E 31 -20.27 -19.42 22.25
C SER E 31 -19.66 -19.93 20.95
N VAL E 32 -18.55 -19.31 20.55
CA VAL E 32 -17.78 -19.81 19.39
C VAL E 32 -16.46 -20.47 19.81
N ASP E 33 -16.33 -20.83 21.09
CA ASP E 33 -15.12 -21.47 21.61
C ASP E 33 -15.15 -22.98 21.37
N ASP E 34 -13.99 -23.53 21.04
CA ASP E 34 -13.75 -24.97 21.14
C ASP E 34 -12.24 -25.18 21.12
N TYR E 35 -11.77 -26.24 21.76
CA TYR E 35 -10.36 -26.62 21.72
C TYR E 35 -9.41 -25.59 22.33
N GLY E 36 -9.93 -24.77 23.23
CA GLY E 36 -9.18 -23.68 23.84
C GLY E 36 -9.01 -22.42 23.01
N ILE E 37 -9.63 -22.37 21.83
CA ILE E 37 -9.53 -21.21 20.92
C ILE E 37 -10.94 -20.75 20.58
N SER E 38 -11.04 -19.59 19.92
CA SER E 38 -12.33 -18.97 19.60
C SER E 38 -12.44 -18.80 18.09
N PHE E 39 -13.48 -19.39 17.51
CA PHE E 39 -13.67 -19.41 16.06
C PHE E 39 -14.38 -18.13 15.60
N MET E 40 -13.66 -17.02 15.67
CA MET E 40 -14.16 -15.69 15.28
C MET E 40 -13.06 -15.01 14.45
N ASN E 41 -13.44 -14.50 13.29
CA ASN E 41 -12.53 -13.85 12.36
C ASN E 41 -13.03 -12.44 12.07
N TRP E 42 -12.12 -11.56 11.65
CA TRP E 42 -12.44 -10.21 11.25
C TRP E 42 -11.94 -9.94 9.84
N PHE E 43 -12.75 -9.20 9.07
CA PHE E 43 -12.42 -8.81 7.70
C PHE E 43 -12.53 -7.31 7.52
N GLN E 44 -11.71 -6.78 6.62
CA GLN E 44 -11.76 -5.39 6.18
C GLN E 44 -12.16 -5.42 4.73
N GLN E 45 -13.10 -4.54 4.35
CA GLN E 45 -13.53 -4.43 2.96
C GLN E 45 -13.62 -2.98 2.51
N LYS E 46 -12.87 -2.66 1.47
CA LYS E 46 -12.96 -1.36 0.81
C LYS E 46 -13.81 -1.45 -0.46
N PRO E 47 -14.39 -0.29 -0.89
CA PRO E 47 -15.27 -0.29 -2.06
C PRO E 47 -14.64 -0.90 -3.31
N GLY E 48 -15.40 -1.76 -3.99
CA GLY E 48 -14.95 -2.43 -5.21
C GLY E 48 -13.99 -3.59 -5.02
N GLN E 49 -13.69 -3.96 -3.78
CA GLN E 49 -12.70 -4.97 -3.48
C GLN E 49 -13.32 -6.08 -2.63
N PRO E 50 -12.72 -7.28 -2.66
CA PRO E 50 -13.19 -8.32 -1.75
C PRO E 50 -12.80 -8.04 -0.31
N PRO E 51 -13.49 -8.70 0.63
CA PRO E 51 -13.04 -8.72 2.01
C PRO E 51 -11.60 -9.26 2.11
N LYS E 52 -10.85 -8.70 3.05
CA LYS E 52 -9.48 -9.11 3.32
C LYS E 52 -9.45 -9.60 4.78
N LEU E 53 -8.94 -10.82 4.99
CA LEU E 53 -8.78 -11.35 6.34
C LEU E 53 -7.81 -10.49 7.15
N LEU E 54 -8.29 -9.90 8.25
CA LEU E 54 -7.47 -9.10 9.15
C LEU E 54 -6.95 -9.87 10.35
N ILE E 55 -7.88 -10.59 10.98
CA ILE E 55 -7.66 -11.33 12.21
C ILE E 55 -8.38 -12.66 12.09
N TYR E 56 -7.73 -13.73 12.49
CA TYR E 56 -8.39 -15.04 12.57
C TYR E 56 -8.26 -15.63 13.97
N THR E 57 -9.23 -16.45 14.33
CA THR E 57 -9.22 -17.15 15.62
C THR E 57 -9.09 -16.12 16.76
N ALA E 58 -9.92 -15.08 16.68
CA ALA E 58 -10.06 -13.99 17.64
C ALA E 58 -8.91 -13.00 17.73
N SER E 59 -7.68 -13.48 17.72
CA SER E 59 -6.52 -12.64 18.00
C SER E 59 -5.29 -12.83 17.12
N SER E 60 -5.29 -13.81 16.21
CA SER E 60 -4.10 -14.02 15.35
C SER E 60 -4.09 -13.06 14.17
N GLN E 61 -2.92 -12.54 13.87
CA GLN E 61 -2.75 -11.49 12.89
C GLN E 61 -2.76 -12.08 11.49
N GLY E 62 -3.60 -11.55 10.62
CA GLY E 62 -3.59 -11.91 9.21
C GLY E 62 -2.27 -11.54 8.55
N SER E 63 -1.98 -12.22 7.46
CA SER E 63 -0.78 -11.96 6.63
C SER E 63 -0.65 -10.48 6.23
N GLY E 64 0.46 -9.86 6.61
CA GLY E 64 0.74 -8.46 6.27
C GLY E 64 -0.05 -7.41 7.04
N VAL E 65 -0.80 -7.81 8.06
CA VAL E 65 -1.72 -6.89 8.74
C VAL E 65 -0.93 -6.12 9.80
N PRO E 66 -0.91 -4.77 9.73
CA PRO E 66 -0.13 -3.97 10.70
C PRO E 66 -0.53 -4.20 12.17
N ALA E 67 0.43 -4.00 13.08
CA ALA E 67 0.23 -4.20 14.53
C ALA E 67 -0.85 -3.31 15.14
N ARG E 68 -1.16 -2.18 14.49
CA ARG E 68 -2.25 -1.32 14.97
C ARG E 68 -3.64 -1.99 15.01
N PHE E 69 -3.84 -3.07 14.24
CA PHE E 69 -5.03 -3.91 14.32
C PHE E 69 -4.85 -5.00 15.36
N SER E 70 -5.77 -5.06 16.30
CA SER E 70 -5.72 -5.99 17.39
C SER E 70 -7.08 -6.62 17.63
N GLY E 71 -7.15 -7.94 17.59
CA GLY E 71 -8.37 -8.66 17.94
C GLY E 71 -8.30 -9.23 19.35
N SER E 72 -9.40 -9.19 20.07
CA SER E 72 -9.47 -9.81 21.39
C SER E 72 -10.84 -10.38 21.67
N GLY E 73 -10.90 -11.18 22.73
CA GLY E 73 -12.16 -11.72 23.22
C GLY E 73 -12.22 -13.22 23.16
N SER E 74 -13.33 -13.74 23.66
CA SER E 74 -13.59 -15.16 23.70
C SER E 74 -15.06 -15.37 24.02
N GLY E 75 -15.54 -16.58 23.80
CA GLY E 75 -16.91 -16.97 24.13
C GLY E 75 -17.90 -16.36 23.17
N THR E 76 -18.58 -15.31 23.63
CA THR E 76 -19.55 -14.57 22.84
C THR E 76 -19.20 -13.10 22.61
N ASP E 77 -18.09 -12.61 23.17
CA ASP E 77 -17.81 -11.17 23.21
C ASP E 77 -16.42 -10.91 22.63
N PHE E 78 -16.37 -10.19 21.51
CA PHE E 78 -15.14 -9.96 20.76
C PHE E 78 -15.01 -8.50 20.40
N SER E 79 -13.78 -8.03 20.26
CA SER E 79 -13.50 -6.66 19.88
C SER E 79 -12.38 -6.59 18.87
N LEU E 80 -12.51 -5.65 17.94
CA LEU E 80 -11.41 -5.24 17.06
C LEU E 80 -11.03 -3.83 17.47
N ASN E 81 -9.75 -3.64 17.79
CA ASN E 81 -9.21 -2.35 18.09
C ASN E 81 -8.24 -1.92 16.99
N ILE E 82 -8.34 -0.67 16.59
CA ILE E 82 -7.43 -0.07 15.62
C ILE E 82 -6.86 1.16 16.30
N HIS E 83 -5.56 1.14 16.58
CA HIS E 83 -4.92 2.28 17.22
C HIS E 83 -3.44 2.27 16.91
N PRO E 84 -2.89 3.34 16.34
CA PRO E 84 -3.59 4.57 15.94
C PRO E 84 -4.31 4.48 14.59
N MET E 85 -5.48 5.13 14.48
CA MET E 85 -6.21 5.25 13.22
C MET E 85 -5.38 5.96 12.13
N GLU E 86 -5.25 5.32 10.96
CA GLU E 86 -4.63 5.92 9.78
C GLU E 86 -5.68 6.15 8.69
N GLU E 87 -5.37 7.00 7.72
CA GLU E 87 -6.28 7.32 6.60
C GLU E 87 -6.68 6.04 5.84
N ASP E 88 -5.73 5.13 5.65
CA ASP E 88 -6.06 3.93 4.86
CA ASP E 88 -5.88 3.85 4.96
C ASP E 88 -6.84 2.86 5.64
N ASP E 89 -7.27 3.17 6.88
CA ASP E 89 -8.10 2.26 7.64
C ASP E 89 -9.59 2.48 7.48
N THR E 90 -10.00 3.52 6.75
CA THR E 90 -11.39 3.73 6.41
C THR E 90 -11.86 2.58 5.51
N ALA E 91 -12.92 1.92 5.93
CA ALA E 91 -13.38 0.65 5.34
C ALA E 91 -14.63 0.16 6.07
N MET E 92 -15.26 -0.86 5.53
CA MET E 92 -16.24 -1.67 6.24
C MET E 92 -15.49 -2.80 6.95
N TYR E 93 -15.88 -3.09 8.18
CA TYR E 93 -15.29 -4.18 8.96
C TYR E 93 -16.38 -5.16 9.32
N PHE E 94 -16.13 -6.46 9.11
CA PHE E 94 -17.08 -7.54 9.42
C PHE E 94 -16.45 -8.56 10.35
N CYS E 95 -17.19 -8.99 11.37
CA CYS E 95 -16.86 -10.18 12.11
C CYS E 95 -17.56 -11.38 11.47
N GLN E 96 -17.02 -12.57 11.70
CA GLN E 96 -17.57 -13.80 11.17
C GLN E 96 -17.25 -14.96 12.08
N GLN E 97 -18.25 -15.79 12.37
CA GLN E 97 -18.04 -16.97 13.18
C GLN E 97 -17.82 -18.16 12.27
N SER E 98 -16.89 -19.01 12.68
CA SER E 98 -16.58 -20.25 11.99
C SER E 98 -16.73 -21.48 12.89
N LYS E 99 -17.52 -21.34 13.95
CA LYS E 99 -17.83 -22.43 14.89
C LYS E 99 -18.80 -23.45 14.29
N GLU E 100 -19.87 -22.97 13.65
CA GLU E 100 -20.94 -23.84 13.15
C GLU E 100 -21.34 -23.38 11.74
N VAL E 101 -21.71 -24.35 10.90
CA VAL E 101 -22.33 -24.07 9.61
C VAL E 101 -23.84 -23.91 9.90
N PRO E 102 -24.55 -22.98 9.25
CA PRO E 102 -24.01 -22.06 8.25
C PRO E 102 -23.10 -20.99 8.87
N TYR E 103 -22.00 -20.70 8.18
CA TYR E 103 -21.13 -19.60 8.54
C TYR E 103 -21.94 -18.32 8.45
N THR E 104 -21.78 -17.45 9.45
CA THR E 104 -22.52 -16.20 9.49
C THR E 104 -21.61 -15.04 9.84
N PHE E 105 -22.01 -13.86 9.36
CA PHE E 105 -21.23 -12.64 9.47
C PHE E 105 -22.04 -11.61 10.26
N GLY E 106 -21.34 -10.72 10.94
CA GLY E 106 -21.96 -9.53 11.50
C GLY E 106 -22.42 -8.58 10.39
N GLY E 107 -23.23 -7.59 10.75
CA GLY E 107 -23.83 -6.70 9.76
C GLY E 107 -22.87 -5.65 9.21
N GLY E 108 -21.68 -5.53 9.81
CA GLY E 108 -20.69 -4.60 9.35
C GLY E 108 -20.66 -3.32 10.14
N THR E 109 -19.47 -2.74 10.27
CA THR E 109 -19.24 -1.46 10.89
C THR E 109 -18.45 -0.62 9.91
N LYS E 110 -18.96 0.55 9.57
CA LYS E 110 -18.31 1.45 8.63
C LYS E 110 -17.43 2.42 9.41
N LEU E 111 -16.12 2.37 9.19
CA LEU E 111 -15.18 3.24 9.89
C LEU E 111 -14.78 4.41 9.00
N GLU E 112 -14.90 5.61 9.54
CA GLU E 112 -14.72 6.87 8.83
C GLU E 112 -13.77 7.76 9.58
N ILE E 113 -13.25 8.77 8.90
CA ILE E 113 -12.39 9.78 9.54
C ILE E 113 -13.25 10.89 10.12
N LYS E 114 -12.99 11.24 11.37
CA LYS E 114 -13.67 12.34 12.03
C LYS E 114 -13.03 13.65 11.62
N ARG E 115 -13.87 14.65 11.33
CA ARG E 115 -13.41 16.01 11.07
C ARG E 115 -14.44 16.99 11.64
N ALA E 116 -14.13 18.28 11.53
CA ALA E 116 -15.04 19.32 12.01
C ALA E 116 -16.32 19.34 11.18
N ASP E 117 -17.40 19.79 11.82
CA ASP E 117 -18.68 19.92 11.15
C ASP E 117 -18.57 20.92 10.00
N ALA E 118 -19.32 20.67 8.93
CA ALA E 118 -19.36 21.56 7.78
C ALA E 118 -20.75 21.53 7.19
N ALA E 119 -21.33 22.72 6.98
CA ALA E 119 -22.65 22.85 6.38
C ALA E 119 -22.59 22.53 4.90
N PRO E 120 -23.68 21.94 4.34
CA PRO E 120 -23.70 21.67 2.90
C PRO E 120 -23.80 22.93 2.07
N THR E 121 -23.17 22.91 0.90
CA THR E 121 -23.39 23.92 -0.13
C THR E 121 -24.47 23.36 -1.03
N VAL E 122 -25.62 24.03 -1.04
CA VAL E 122 -26.79 23.51 -1.74
C VAL E 122 -27.05 24.30 -3.03
N SER E 123 -27.31 23.57 -4.11
CA SER E 123 -27.59 24.14 -5.42
C SER E 123 -28.78 23.43 -6.04
N ILE E 124 -29.72 24.21 -6.60
CA ILE E 124 -30.90 23.66 -7.25
C ILE E 124 -30.93 24.01 -8.75
N PHE E 125 -31.42 23.05 -9.53
CA PHE E 125 -31.45 23.16 -10.99
C PHE E 125 -32.80 22.76 -11.55
N PRO E 126 -33.42 23.67 -12.32
CA PRO E 126 -34.64 23.29 -13.03
C PRO E 126 -34.37 22.28 -14.12
N PRO E 127 -35.41 21.60 -14.62
CA PRO E 127 -35.28 20.77 -15.82
C PRO E 127 -34.66 21.53 -16.98
N SER E 128 -33.77 20.88 -17.72
CA SER E 128 -33.17 21.49 -18.90
C SER E 128 -34.22 21.59 -20.00
N SER E 129 -34.09 22.60 -20.86
CA SER E 129 -34.98 22.68 -22.02
C SER E 129 -34.89 21.40 -22.86
N GLU E 130 -33.69 20.81 -22.96
CA GLU E 130 -33.52 19.53 -23.66
C GLU E 130 -34.43 18.43 -23.11
N GLN E 131 -34.45 18.26 -21.79
CA GLN E 131 -35.29 17.24 -21.18
C GLN E 131 -36.78 17.55 -21.38
N LEU E 132 -37.16 18.81 -21.18
CA LEU E 132 -38.56 19.23 -21.35
C LEU E 132 -39.03 18.98 -22.76
N THR E 133 -38.18 19.35 -23.71
CA THR E 133 -38.44 19.09 -25.12
C THR E 133 -38.62 17.59 -25.40
N SER E 134 -37.93 16.72 -24.68
CA SER E 134 -38.16 15.26 -24.76
C SER E 134 -39.37 14.71 -23.98
N GLY E 135 -40.07 15.53 -23.22
CA GLY E 135 -41.30 15.12 -22.52
C GLY E 135 -41.19 14.81 -21.02
N GLY E 136 -40.02 15.03 -20.43
CA GLY E 136 -39.78 14.71 -19.02
C GLY E 136 -39.34 15.94 -18.27
N ALA E 137 -39.26 15.84 -16.95
CA ALA E 137 -38.82 16.95 -16.13
C ALA E 137 -38.20 16.41 -14.84
N SER E 138 -36.91 16.66 -14.66
CA SER E 138 -36.19 16.32 -13.43
C SER E 138 -35.67 17.60 -12.83
N VAL E 139 -35.88 17.77 -11.54
CA VAL E 139 -35.33 18.88 -10.77
C VAL E 139 -34.21 18.27 -9.92
N VAL E 140 -33.02 18.86 -9.98
CA VAL E 140 -31.83 18.31 -9.31
C VAL E 140 -31.38 19.27 -8.22
N CYS E 141 -31.06 18.69 -7.06
CA CYS E 141 -30.48 19.40 -5.96
C CYS E 141 -29.16 18.70 -5.55
N PHE E 142 -28.05 19.46 -5.53
CA PHE E 142 -26.77 18.99 -4.99
C PHE E 142 -26.57 19.57 -3.61
N LEU E 143 -26.12 18.73 -2.69
CA LEU E 143 -25.81 19.13 -1.33
C LEU E 143 -24.38 18.66 -1.10
N ASN E 144 -23.43 19.58 -1.23
CA ASN E 144 -22.03 19.22 -1.36
C ASN E 144 -21.14 19.61 -0.18
N ASN E 145 -20.22 18.71 0.12
CA ASN E 145 -19.10 18.93 1.04
C ASN E 145 -19.55 19.24 2.46
N PHE E 146 -20.36 18.35 3.00
CA PHE E 146 -20.87 18.48 4.37
C PHE E 146 -20.30 17.42 5.31
N TYR E 147 -20.43 17.69 6.60
CA TYR E 147 -20.02 16.71 7.62
C TYR E 147 -20.77 17.06 8.91
N PRO E 148 -21.36 16.11 9.64
CA PRO E 148 -21.32 14.67 9.38
C PRO E 148 -22.28 14.24 8.29
N LYS E 149 -22.30 12.94 8.03
CA LYS E 149 -23.01 12.38 6.89
C LYS E 149 -24.53 12.41 6.97
N ASP E 150 -25.06 12.53 8.19
CA ASP E 150 -26.50 12.45 8.46
C ASP E 150 -27.16 13.72 7.94
N ILE E 151 -28.14 13.56 7.07
CA ILE E 151 -28.79 14.69 6.41
C ILE E 151 -30.17 14.27 5.93
N ASN E 152 -31.12 15.19 6.03
CA ASN E 152 -32.48 14.95 5.57
C ASN E 152 -32.77 15.97 4.48
N VAL E 153 -33.28 15.51 3.34
CA VAL E 153 -33.68 16.39 2.26
C VAL E 153 -35.19 16.24 2.05
N LYS E 154 -35.88 17.36 1.97
CA LYS E 154 -37.30 17.38 1.72
C LYS E 154 -37.56 18.21 0.45
N TRP E 155 -38.44 17.70 -0.42
CA TRP E 155 -38.85 18.43 -1.61
C TRP E 155 -40.24 19.01 -1.39
N LYS E 156 -40.41 20.26 -1.79
CA LYS E 156 -41.73 20.93 -1.75
C LYS E 156 -42.06 21.52 -3.11
N ILE E 157 -43.30 21.30 -3.53
CA ILE E 157 -43.85 21.84 -4.76
C ILE E 157 -44.99 22.78 -4.34
N ASP E 158 -44.83 24.07 -4.61
CA ASP E 158 -45.76 25.10 -4.12
C ASP E 158 -46.09 24.94 -2.64
N GLY E 159 -45.05 24.68 -1.85
CA GLY E 159 -45.19 24.51 -0.40
C GLY E 159 -45.72 23.18 0.14
N SER E 160 -46.08 22.25 -0.74
CA SER E 160 -46.51 20.91 -0.33
C SER E 160 -45.39 19.90 -0.49
N GLU E 161 -45.12 19.11 0.55
CA GLU E 161 -44.09 18.08 0.53
C GLU E 161 -44.39 17.04 -0.55
N ARG E 162 -43.35 16.67 -1.29
CA ARG E 162 -43.43 15.65 -2.32
C ARG E 162 -42.39 14.58 -2.02
N GLN E 163 -42.86 13.34 -1.82
CA GLN E 163 -41.97 12.20 -1.56
C GLN E 163 -41.81 11.28 -2.78
N ASN E 164 -42.87 11.05 -3.55
CA ASN E 164 -42.80 10.19 -4.73
C ASN E 164 -42.00 10.82 -5.88
N GLY E 165 -41.19 10.00 -6.54
CA GLY E 165 -40.36 10.45 -7.63
C GLY E 165 -39.01 11.02 -7.23
N VAL E 166 -38.67 10.93 -5.94
CA VAL E 166 -37.38 11.42 -5.44
C VAL E 166 -36.38 10.27 -5.43
N LEU E 167 -35.21 10.50 -6.04
CA LEU E 167 -34.13 9.53 -6.01
C LEU E 167 -32.88 10.20 -5.49
N ASN E 168 -32.25 9.58 -4.49
CA ASN E 168 -31.09 10.14 -3.81
C ASN E 168 -29.86 9.27 -4.02
N SER E 169 -28.70 9.90 -4.06
CA SER E 169 -27.42 9.22 -4.18
C SER E 169 -26.38 9.97 -3.35
N TRP E 170 -25.46 9.22 -2.75
CA TRP E 170 -24.47 9.76 -1.81
C TRP E 170 -23.06 9.34 -2.24
N THR E 171 -22.09 10.24 -2.13
CA THR E 171 -20.69 9.88 -2.35
C THR E 171 -20.08 9.34 -1.06
N ASP E 172 -18.99 8.60 -1.18
CA ASP E 172 -18.20 8.16 -0.03
C ASP E 172 -17.40 9.37 0.47
N GLN E 173 -16.80 9.23 1.65
CA GLN E 173 -16.00 10.30 2.23
C GLN E 173 -14.88 10.77 1.29
N ASP E 174 -14.79 12.08 1.08
CA ASP E 174 -13.83 12.66 0.16
C ASP E 174 -12.40 12.44 0.64
N SER E 175 -11.51 12.06 -0.28
CA SER E 175 -10.12 11.77 0.03
C SER E 175 -9.34 13.00 0.48
N LYS E 176 -9.68 14.18 -0.06
CA LYS E 176 -8.97 15.42 0.31
C LYS E 176 -9.50 16.06 1.60
N ASP E 177 -10.82 16.29 1.69
CA ASP E 177 -11.37 17.05 2.82
C ASP E 177 -12.28 16.27 3.80
N SER E 178 -12.45 14.97 3.57
CA SER E 178 -13.20 14.09 4.47
C SER E 178 -14.71 14.42 4.62
N THR E 179 -15.26 15.17 3.66
CA THR E 179 -16.67 15.49 3.65
C THR E 179 -17.47 14.52 2.79
N TYR E 180 -18.79 14.64 2.90
CA TYR E 180 -19.75 13.88 2.14
C TYR E 180 -20.49 14.80 1.19
N SER E 181 -21.03 14.22 0.12
CA SER E 181 -21.91 14.96 -0.78
C SER E 181 -23.11 14.10 -1.16
N MET E 182 -24.16 14.76 -1.62
CA MET E 182 -25.42 14.11 -1.91
C MET E 182 -26.07 14.78 -3.13
N SER E 183 -26.75 13.96 -3.91
CA SER E 183 -27.56 14.43 -5.02
C SER E 183 -28.97 13.93 -4.78
N SER E 184 -29.95 14.81 -4.95
CA SER E 184 -31.35 14.45 -4.84
C SER E 184 -32.03 14.93 -6.11
N THR E 185 -32.76 14.03 -6.78
CA THR E 185 -33.45 14.34 -8.01
C THR E 185 -34.94 14.06 -7.86
N LEU E 186 -35.76 15.06 -8.13
CA LEU E 186 -37.22 14.90 -8.19
C LEU E 186 -37.62 14.78 -9.65
N THR E 187 -38.16 13.64 -10.04
CA THR E 187 -38.61 13.44 -11.40
C THR E 187 -40.14 13.41 -11.43
N LEU E 188 -40.71 14.16 -12.35
CA LEU E 188 -42.15 14.18 -12.58
C LEU E 188 -42.42 14.32 -14.07
N THR E 189 -43.69 14.16 -14.46
CA THR E 189 -44.07 14.38 -15.84
C THR E 189 -43.91 15.86 -16.16
N LYS E 190 -43.62 16.15 -17.41
CA LYS E 190 -43.62 17.53 -17.91
C LYS E 190 -44.98 18.19 -17.63
N ASP E 191 -46.07 17.43 -17.78
CA ASP E 191 -47.42 17.94 -17.50
C ASP E 191 -47.56 18.39 -16.07
N GLU E 192 -47.15 17.54 -15.12
CA GLU E 192 -47.22 17.91 -13.71
C GLU E 192 -46.27 19.07 -13.39
N TYR E 193 -45.06 19.03 -13.95
CA TYR E 193 -44.09 20.10 -13.73
C TYR E 193 -44.66 21.47 -14.11
N GLU E 194 -45.35 21.53 -15.24
CA GLU E 194 -45.92 22.79 -15.76
C GLU E 194 -47.18 23.27 -15.05
N ARG E 195 -47.75 22.47 -14.15
CA ARG E 195 -48.91 22.91 -13.34
C ARG E 195 -48.50 23.66 -12.07
N HIS E 196 -47.21 23.71 -11.76
CA HIS E 196 -46.74 24.30 -10.51
C HIS E 196 -45.69 25.37 -10.77
N ASN E 197 -45.50 26.26 -9.80
CA ASN E 197 -44.55 27.37 -9.92
C ASN E 197 -43.28 27.18 -9.08
N SER E 198 -43.47 26.93 -7.79
CA SER E 198 -42.39 26.96 -6.81
C SER E 198 -41.83 25.55 -6.56
N TYR E 199 -40.52 25.39 -6.70
CA TYR E 199 -39.84 24.11 -6.46
C TYR E 199 -38.74 24.33 -5.46
N THR E 200 -38.76 23.55 -4.37
CA THR E 200 -37.91 23.79 -3.24
C THR E 200 -37.22 22.51 -2.77
N CYS E 201 -35.92 22.61 -2.56
CA CYS E 201 -35.09 21.58 -1.94
C CYS E 201 -34.71 22.09 -0.54
N GLU E 202 -35.10 21.36 0.51
CA GLU E 202 -34.83 21.78 1.91
C GLU E 202 -33.96 20.76 2.63
N ALA E 203 -32.80 21.20 3.14
CA ALA E 203 -31.83 20.31 3.77
C ALA E 203 -31.77 20.58 5.28
N THR E 204 -32.03 19.53 6.09
CA THR E 204 -31.84 19.57 7.52
C THR E 204 -30.54 18.82 7.87
N HIS E 205 -29.65 19.54 8.54
CA HIS E 205 -28.33 19.06 8.92
C HIS E 205 -28.00 19.67 10.28
N LYS E 206 -27.18 18.99 11.07
CA LYS E 206 -26.92 19.43 12.45
C LYS E 206 -26.19 20.78 12.56
N THR E 207 -25.58 21.25 11.47
CA THR E 207 -24.92 22.57 11.45
C THR E 207 -25.86 23.78 11.52
N SER E 208 -27.17 23.56 11.43
CA SER E 208 -28.14 24.64 11.60
C SER E 208 -29.43 24.13 12.21
N THR E 209 -30.06 24.97 13.03
CA THR E 209 -31.35 24.66 13.60
C THR E 209 -32.46 24.78 12.56
N SER E 210 -32.28 25.69 11.59
CA SER E 210 -33.23 25.85 10.49
C SER E 210 -32.71 25.17 9.20
N PRO E 211 -33.62 24.64 8.37
CA PRO E 211 -33.16 24.07 7.09
C PRO E 211 -32.49 25.08 6.15
N ILE E 212 -31.55 24.61 5.31
CA ILE E 212 -31.06 25.37 4.17
C ILE E 212 -32.08 25.16 3.05
N VAL E 213 -32.60 26.26 2.50
CA VAL E 213 -33.68 26.22 1.53
C VAL E 213 -33.13 26.80 0.23
N LYS E 214 -33.24 26.04 -0.85
CA LYS E 214 -32.97 26.55 -2.19
C LYS E 214 -34.20 26.30 -3.04
N SER E 215 -34.58 27.31 -3.81
CA SER E 215 -35.79 27.26 -4.60
C SER E 215 -35.62 27.99 -5.91
N PHE E 216 -36.56 27.70 -6.79
CA PHE E 216 -36.79 28.53 -7.95
C PHE E 216 -38.28 28.56 -8.27
N ASN E 217 -38.67 29.56 -9.05
CA ASN E 217 -40.03 29.70 -9.52
C ASN E 217 -39.98 29.52 -11.03
N ARG E 218 -40.84 28.64 -11.55
CA ARG E 218 -40.85 28.32 -12.97
C ARG E 218 -41.10 29.55 -13.86
N ASN E 219 -41.78 30.56 -13.30
CA ASN E 219 -41.98 31.86 -13.99
C ASN E 219 -40.66 32.63 -14.15
N GLU E 220 -40.00 32.88 -13.03
CA GLU E 220 -38.77 33.66 -12.99
C GLU E 220 -37.60 32.86 -13.53
N LEU F 5 -9.92 -48.34 36.00
CA LEU F 5 -10.63 -48.69 34.74
C LEU F 5 -11.43 -47.47 34.22
N PRO F 6 -11.00 -46.87 33.08
CA PRO F 6 -11.73 -45.70 32.57
C PRO F 6 -13.16 -45.97 32.07
N LEU F 7 -14.03 -45.00 32.27
CA LEU F 7 -15.41 -45.06 31.80
C LEU F 7 -15.52 -44.37 30.45
N LEU F 8 -16.23 -45.01 29.52
CA LEU F 8 -16.46 -44.48 28.17
C LEU F 8 -17.95 -44.28 27.96
N CYS F 9 -18.32 -43.19 27.27
CA CYS F 9 -19.71 -42.79 27.10
C CYS F 9 -19.90 -42.20 25.70
N THR F 10 -20.96 -42.61 25.01
CA THR F 10 -21.38 -42.03 23.74
C THR F 10 -22.76 -41.42 23.93
N LEU F 11 -22.90 -40.12 23.68
CA LEU F 11 -24.22 -39.46 23.70
C LEU F 11 -24.67 -39.12 22.28
N ASN F 12 -25.95 -39.37 21.98
CA ASN F 12 -26.55 -39.06 20.67
C ASN F 12 -25.79 -39.68 19.48
N LYS F 13 -25.14 -40.82 19.71
CA LYS F 13 -24.29 -41.51 18.74
C LYS F 13 -23.15 -40.69 18.07
N SER F 14 -22.93 -39.45 18.52
CA SER F 14 -21.98 -38.53 17.89
C SER F 14 -20.93 -37.93 18.85
N HIS F 15 -21.26 -37.77 20.14
CA HIS F 15 -20.37 -37.13 21.11
C HIS F 15 -19.75 -38.17 22.04
N LEU F 16 -18.41 -38.19 22.07
CA LEU F 16 -17.64 -39.22 22.75
C LEU F 16 -16.95 -38.63 23.97
N TYR F 17 -17.02 -39.37 25.09
CA TYR F 17 -16.44 -38.93 26.35
C TYR F 17 -15.70 -40.08 27.01
N ILE F 18 -14.66 -39.74 27.77
CA ILE F 18 -13.88 -40.72 28.53
C ILE F 18 -13.46 -40.06 29.86
N LYS F 19 -13.48 -40.86 30.93
CA LYS F 19 -13.17 -40.38 32.28
C LYS F 19 -12.34 -41.42 33.03
N GLY F 20 -11.34 -40.96 33.77
CA GLY F 20 -10.47 -41.82 34.58
C GLY F 20 -9.73 -40.99 35.59
N GLY F 21 -9.87 -41.34 36.88
CA GLY F 21 -9.30 -40.55 37.96
C GLY F 21 -9.84 -39.12 37.98
N ASN F 22 -8.95 -38.16 38.14
CA ASN F 22 -9.28 -36.73 38.15
C ASN F 22 -9.33 -36.10 36.72
N ALA F 23 -9.37 -36.91 35.67
CA ALA F 23 -9.43 -36.41 34.29
C ALA F 23 -10.70 -36.86 33.58
N SER F 24 -11.23 -36.00 32.71
CA SER F 24 -12.24 -36.44 31.73
C SER F 24 -12.13 -35.61 30.47
N PHE F 25 -12.29 -36.29 29.33
CA PHE F 25 -12.11 -35.69 28.03
C PHE F 25 -13.35 -35.86 27.18
N GLN F 26 -13.54 -34.92 26.26
CA GLN F 26 -14.38 -35.13 25.10
C GLN F 26 -13.47 -35.41 23.92
N ILE F 27 -13.86 -36.39 23.10
CA ILE F 27 -13.09 -36.80 21.94
C ILE F 27 -13.93 -36.45 20.69
N SER F 28 -13.31 -35.75 19.75
CA SER F 28 -14.00 -35.35 18.50
C SER F 28 -13.06 -35.44 17.31
N PHE F 29 -13.65 -35.49 16.12
CA PHE F 29 -12.92 -35.61 14.87
C PHE F 29 -13.44 -34.59 13.89
N ASP F 30 -12.56 -33.74 13.39
CA ASP F 30 -12.89 -32.81 12.30
C ASP F 30 -11.59 -32.33 11.67
N ASP F 31 -11.68 -31.48 10.66
CA ASP F 31 -10.50 -31.07 9.90
C ASP F 31 -9.73 -29.87 10.48
N ILE F 32 -10.07 -29.42 11.70
CA ILE F 32 -9.36 -28.28 12.30
C ILE F 32 -8.00 -28.73 12.84
N ALA F 33 -6.92 -28.18 12.29
CA ALA F 33 -5.59 -28.37 12.84
C ALA F 33 -5.36 -27.37 13.97
N VAL F 34 -5.75 -27.77 15.19
CA VAL F 34 -5.61 -26.94 16.38
C VAL F 34 -4.13 -26.83 16.72
N LEU F 35 -3.44 -27.96 16.63
CA LEU F 35 -2.02 -28.05 16.89
C LEU F 35 -1.25 -28.33 15.60
N LEU F 36 -0.03 -27.78 15.53
CA LEU F 36 0.89 -28.02 14.42
C LEU F 36 2.26 -28.37 14.98
N PRO F 37 3.04 -29.22 14.29
CA PRO F 37 4.35 -29.65 14.80
C PRO F 37 5.37 -28.52 15.03
N GLN F 38 5.28 -27.45 14.24
CA GLN F 38 6.19 -26.29 14.39
C GLN F 38 5.88 -25.39 15.59
N TYR F 39 4.68 -25.47 16.16
CA TYR F 39 4.31 -24.65 17.32
C TYR F 39 4.15 -25.41 18.63
N ASP F 40 3.74 -26.68 18.56
CA ASP F 40 3.30 -27.43 19.73
C ASP F 40 4.22 -28.63 19.99
N VAL F 41 3.90 -29.41 21.02
CA VAL F 41 4.79 -30.48 21.50
C VAL F 41 4.57 -31.79 20.76
N ILE F 42 5.63 -32.37 20.21
CA ILE F 42 5.58 -33.64 19.49
C ILE F 42 5.78 -34.79 20.47
N ILE F 43 4.88 -35.77 20.43
CA ILE F 43 4.88 -36.92 21.36
C ILE F 43 5.17 -38.22 20.62
N GLN F 44 6.38 -38.75 20.80
CA GLN F 44 6.75 -40.07 20.26
C GLN F 44 6.76 -41.18 21.32
N HIS F 45 7.02 -40.83 22.57
CA HIS F 45 7.08 -41.78 23.68
C HIS F 45 6.23 -41.24 24.84
N PRO F 46 5.64 -42.12 25.69
CA PRO F 46 4.86 -41.65 26.84
C PRO F 46 5.52 -40.58 27.72
N ALA F 47 6.84 -40.67 27.90
CA ALA F 47 7.59 -39.73 28.74
C ALA F 47 7.64 -38.30 28.18
N ASP F 48 7.52 -38.16 26.86
CA ASP F 48 7.40 -36.84 26.23
C ASP F 48 6.17 -36.07 26.73
N MET F 49 5.14 -36.78 27.20
CA MET F 49 3.89 -36.18 27.65
C MET F 49 3.94 -35.37 28.94
N SER F 50 5.09 -35.34 29.65
CA SER F 50 5.25 -34.45 30.81
C SER F 50 5.15 -32.96 30.45
N TRP F 51 5.42 -32.61 29.18
CA TRP F 51 5.19 -31.25 28.69
C TRP F 51 3.73 -30.92 28.31
N CYS F 52 2.84 -31.91 28.29
CA CYS F 52 1.42 -31.71 27.93
C CYS F 52 0.53 -31.21 29.05
N SER F 53 0.89 -31.53 30.30
CA SER F 53 0.00 -31.26 31.40
C SER F 53 0.74 -31.22 32.73
N LYS F 54 0.19 -30.42 33.64
CA LYS F 54 0.55 -30.45 35.05
C LYS F 54 -0.21 -31.55 35.79
N SER F 55 -1.25 -32.13 35.16
CA SER F 55 -2.05 -33.20 35.74
C SER F 55 -1.56 -34.57 35.28
N ASP F 56 -1.05 -35.37 36.21
CA ASP F 56 -0.60 -36.73 35.90
C ASP F 56 -1.76 -37.65 35.52
N ASP F 57 -2.94 -37.40 36.05
CA ASP F 57 -4.14 -38.14 35.63
C ASP F 57 -4.54 -37.87 34.17
N GLN F 58 -4.42 -36.63 33.72
CA GLN F 58 -4.67 -36.29 32.30
C GLN F 58 -3.70 -37.04 31.41
N ILE F 59 -2.43 -37.06 31.80
CA ILE F 59 -1.39 -37.77 31.05
C ILE F 59 -1.68 -39.28 31.01
N TRP F 60 -2.03 -39.85 32.16
CA TRP F 60 -2.32 -41.29 32.26
C TRP F 60 -3.55 -41.68 31.42
N LEU F 61 -4.62 -40.88 31.50
CA LEU F 61 -5.83 -41.13 30.71
C LEU F 61 -5.54 -41.08 29.21
N SER F 62 -4.74 -40.10 28.79
CA SER F 62 -4.32 -39.98 27.38
C SER F 62 -3.59 -41.22 26.89
N GLN F 63 -2.66 -41.69 27.71
CA GLN F 63 -1.86 -42.88 27.39
C GLN F 63 -2.73 -44.13 27.38
N TRP F 64 -3.63 -44.26 28.34
CA TRP F 64 -4.58 -45.37 28.36
C TRP F 64 -5.39 -45.40 27.08
N PHE F 65 -5.92 -44.25 26.68
CA PHE F 65 -6.72 -44.16 25.46
C PHE F 65 -5.93 -44.59 24.22
N MET F 66 -4.72 -44.05 24.06
CA MET F 66 -3.88 -44.39 22.90
C MET F 66 -3.51 -45.88 22.86
N ASN F 67 -3.15 -46.45 24.01
CA ASN F 67 -2.91 -47.89 24.13
C ASN F 67 -4.16 -48.70 23.75
N ALA F 68 -5.31 -48.28 24.27
CA ALA F 68 -6.59 -48.95 23.99
C ALA F 68 -7.02 -48.94 22.51
N VAL F 69 -6.73 -47.87 21.78
CA VAL F 69 -7.01 -47.84 20.31
C VAL F 69 -5.96 -48.53 19.46
N GLY F 70 -4.85 -48.94 20.08
CA GLY F 70 -3.80 -49.70 19.39
C GLY F 70 -2.65 -48.87 18.86
N HIS F 71 -2.43 -47.69 19.44
CA HIS F 71 -1.27 -46.86 19.09
C HIS F 71 0.00 -47.57 19.56
N ASP F 72 0.89 -47.84 18.60
CA ASP F 72 2.21 -48.40 18.87
C ASP F 72 3.18 -47.23 18.96
N TRP F 73 3.59 -46.90 20.19
CA TRP F 73 4.44 -45.72 20.44
C TRP F 73 5.74 -45.75 19.64
N HIS F 74 6.31 -46.94 19.46
CA HIS F 74 7.57 -47.12 18.74
C HIS F 74 7.43 -46.96 17.23
N LEU F 75 6.41 -47.60 16.65
CA LEU F 75 6.29 -47.71 15.19
C LEU F 75 5.38 -46.65 14.53
N ASP F 76 4.28 -46.29 15.20
CA ASP F 76 3.28 -45.40 14.61
C ASP F 76 3.70 -43.93 14.60
N PRO F 77 3.02 -43.08 13.78
CA PRO F 77 3.40 -41.66 13.73
C PRO F 77 3.24 -40.97 15.08
N PRO F 78 4.08 -39.95 15.34
CA PRO F 78 3.88 -39.19 16.56
C PRO F 78 2.60 -38.34 16.51
N PHE F 79 2.11 -37.95 17.69
CA PHE F 79 0.98 -37.05 17.77
C PHE F 79 1.42 -35.76 18.50
N LEU F 80 0.48 -34.86 18.76
CA LEU F 80 0.80 -33.53 19.27
C LEU F 80 0.00 -33.24 20.51
N CYS F 81 0.57 -32.45 21.42
CA CYS F 81 -0.19 -31.88 22.52
C CYS F 81 0.22 -30.43 22.73
N ARG F 82 -0.65 -29.67 23.39
CA ARG F 82 -0.35 -28.28 23.69
C ARG F 82 0.57 -28.22 24.89
N ASN F 83 1.64 -27.43 24.77
CA ASN F 83 2.61 -27.23 25.84
C ASN F 83 1.90 -26.72 27.10
N ARG F 84 2.18 -27.35 28.23
CA ARG F 84 1.53 -26.99 29.52
C ARG F 84 1.77 -25.54 29.99
N THR F 85 2.83 -24.92 29.48
CA THR F 85 3.16 -23.53 29.80
C THR F 85 2.25 -22.50 29.10
N LYS F 86 1.52 -22.92 28.06
CA LYS F 86 0.55 -22.03 27.40
C LYS F 86 -0.72 -21.90 28.23
N THR F 87 -1.45 -20.81 28.05
CA THR F 87 -2.68 -20.57 28.79
C THR F 87 -3.94 -21.27 28.25
N GLU F 88 -3.93 -21.73 27.00
CA GLU F 88 -5.18 -22.19 26.36
C GLU F 88 -5.74 -23.49 26.94
N GLY F 89 -4.86 -24.36 27.46
CA GLY F 89 -5.27 -25.54 28.22
C GLY F 89 -4.89 -26.82 27.51
N PHE F 90 -5.08 -27.94 28.23
CA PHE F 90 -4.70 -29.26 27.75
C PHE F 90 -5.43 -29.63 26.45
N ILE F 91 -4.70 -30.19 25.50
CA ILE F 91 -5.32 -30.86 24.35
C ILE F 91 -4.28 -31.72 23.66
N PHE F 92 -4.69 -32.90 23.18
CA PHE F 92 -3.86 -33.66 22.26
C PHE F 92 -4.62 -33.97 20.99
N GLN F 93 -3.85 -34.16 19.93
CA GLN F 93 -4.36 -34.19 18.58
C GLN F 93 -3.67 -35.29 17.79
N VAL F 94 -4.48 -36.19 17.23
CA VAL F 94 -3.99 -37.32 16.44
C VAL F 94 -4.49 -37.20 15.01
N ASN F 95 -3.60 -37.40 14.07
CA ASN F 95 -3.95 -37.34 12.65
C ASN F 95 -4.52 -38.67 12.20
N THR F 96 -5.84 -38.70 11.98
CA THR F 96 -6.52 -39.92 11.53
C THR F 96 -7.01 -39.80 10.09
N SER F 97 -6.31 -38.98 9.30
CA SER F 97 -6.66 -38.76 7.90
C SER F 97 -6.39 -40.02 7.08
N LYS F 98 -7.44 -40.54 6.43
CA LYS F 98 -7.37 -41.76 5.65
C LYS F 98 -6.85 -41.39 4.25
N THR F 99 -5.54 -41.10 4.21
CA THR F 99 -4.90 -40.53 3.02
C THR F 99 -3.37 -40.56 3.07
N GLY F 100 -2.75 -40.78 1.91
CA GLY F 100 -1.29 -40.74 1.77
C GLY F 100 -0.53 -41.69 2.70
N VAL F 101 0.57 -41.19 3.26
CA VAL F 101 1.43 -41.94 4.18
C VAL F 101 0.66 -42.36 5.46
N ASN F 102 -0.37 -41.60 5.81
CA ASN F 102 -1.14 -41.87 7.03
C ASN F 102 -2.19 -42.98 6.93
N GLU F 103 -2.49 -43.45 5.70
CA GLU F 103 -3.61 -44.39 5.47
C GLU F 103 -3.63 -45.62 6.38
N ASN F 104 -2.49 -46.29 6.50
CA ASN F 104 -2.40 -47.52 7.31
C ASN F 104 -2.74 -47.25 8.77
N TYR F 105 -2.12 -46.20 9.32
CA TYR F 105 -2.35 -45.79 10.69
C TYR F 105 -3.80 -45.38 10.92
N ALA F 106 -4.36 -44.63 9.97
CA ALA F 106 -5.76 -44.21 10.01
C ALA F 106 -6.73 -45.40 10.05
N LYS F 107 -6.48 -46.39 9.19
CA LYS F 107 -7.30 -47.62 9.19
C LYS F 107 -7.22 -48.36 10.53
N LYS F 108 -6.03 -48.46 11.10
CA LYS F 108 -5.84 -49.09 12.41
C LYS F 108 -6.56 -48.31 13.51
N PHE F 109 -6.42 -46.99 13.48
CA PHE F 109 -7.10 -46.11 14.44
C PHE F 109 -8.61 -46.29 14.37
N LYS F 110 -9.16 -46.33 13.14
CA LYS F 110 -10.60 -46.59 12.92
C LYS F 110 -11.07 -47.90 13.58
N THR F 111 -10.30 -48.97 13.37
CA THR F 111 -10.60 -50.27 13.99
C THR F 111 -10.59 -50.18 15.51
N GLY F 112 -9.58 -49.51 16.07
CA GLY F 112 -9.49 -49.29 17.50
C GLY F 112 -10.67 -48.51 18.06
N MET F 113 -11.07 -47.46 17.35
CA MET F 113 -12.23 -46.65 17.75
C MET F 113 -13.54 -47.43 17.70
N HIS F 114 -13.70 -48.28 16.68
CA HIS F 114 -14.89 -49.13 16.57
C HIS F 114 -14.96 -50.14 17.73
N HIS F 115 -13.81 -50.64 18.17
CA HIS F 115 -13.72 -51.52 19.35
C HIS F 115 -14.10 -50.77 20.65
N LEU F 116 -13.64 -49.53 20.81
CA LEU F 116 -13.91 -48.75 22.02
C LEU F 116 -15.30 -48.13 22.07
N TYR F 117 -15.70 -47.55 20.94
CA TYR F 117 -17.01 -46.91 20.81
C TYR F 117 -17.73 -47.58 19.63
N ARG F 118 -18.47 -48.64 19.91
CA ARG F 118 -19.18 -49.42 18.87
C ARG F 118 -20.08 -48.54 17.99
N GLU F 119 -20.89 -47.71 18.65
CA GLU F 119 -21.96 -46.96 17.99
C GLU F 119 -21.55 -45.57 17.45
N TYR F 120 -20.25 -45.33 17.25
CA TYR F 120 -19.77 -44.08 16.65
C TYR F 120 -19.48 -44.30 15.16
N PRO F 121 -20.13 -43.52 14.27
CA PRO F 121 -19.87 -43.66 12.83
C PRO F 121 -18.57 -42.94 12.41
N ASP F 122 -17.86 -43.52 11.44
CA ASP F 122 -16.58 -42.99 10.98
C ASP F 122 -16.79 -41.72 10.14
N SER F 123 -16.33 -40.59 10.69
CA SER F 123 -16.35 -39.30 10.00
C SER F 123 -15.12 -39.06 9.11
N CYS F 124 -14.07 -39.87 9.27
CA CYS F 124 -12.81 -39.68 8.53
C CYS F 124 -12.85 -40.46 7.19
N LEU F 125 -13.32 -39.78 6.14
CA LEU F 125 -13.54 -40.42 4.84
C LEU F 125 -12.30 -40.38 3.93
N ASN F 126 -12.28 -41.25 2.92
CA ASN F 126 -11.15 -41.39 2.00
C ASN F 126 -10.71 -40.04 1.44
N GLY F 127 -9.44 -39.69 1.65
CA GLY F 127 -8.87 -38.46 1.10
C GLY F 127 -9.03 -37.19 1.93
N LYS F 128 -9.87 -37.21 2.96
CA LYS F 128 -10.19 -36.00 3.73
C LYS F 128 -9.17 -35.78 4.86
N LEU F 129 -8.86 -34.53 5.13
CA LEU F 129 -8.11 -34.17 6.35
C LEU F 129 -9.02 -34.43 7.54
N CYS F 130 -8.56 -35.21 8.52
CA CYS F 130 -9.37 -35.57 9.70
C CYS F 130 -8.46 -35.72 10.91
N LEU F 131 -8.68 -34.91 11.94
CA LEU F 131 -7.80 -34.84 13.10
C LEU F 131 -8.61 -35.03 14.36
N MET F 132 -8.25 -36.05 15.14
CA MET F 132 -8.88 -36.28 16.42
C MET F 132 -8.34 -35.31 17.43
N LYS F 133 -9.23 -34.70 18.21
CA LYS F 133 -8.83 -33.87 19.34
C LYS F 133 -9.46 -34.44 20.59
N ALA F 134 -8.65 -34.52 21.65
CA ALA F 134 -9.15 -34.86 22.98
C ALA F 134 -8.89 -33.65 23.87
N GLN F 135 -9.95 -33.14 24.50
CA GLN F 135 -9.85 -31.93 25.34
C GLN F 135 -10.61 -32.13 26.65
N PRO F 136 -10.28 -31.33 27.69
CA PRO F 136 -11.01 -31.47 28.95
C PRO F 136 -12.46 -31.10 28.81
N THR F 137 -13.30 -31.79 29.56
CA THR F 137 -14.71 -31.48 29.65
C THR F 137 -15.25 -31.92 31.01
N SER F 138 -16.34 -31.30 31.45
CA SER F 138 -17.08 -31.83 32.60
C SER F 138 -17.74 -33.12 32.15
N TRP F 139 -17.76 -34.12 33.02
CA TRP F 139 -18.42 -35.39 32.73
C TRP F 139 -19.92 -35.12 32.58
N PRO F 140 -20.51 -35.41 31.41
CA PRO F 140 -21.94 -35.11 31.22
C PRO F 140 -22.86 -35.79 32.24
N LEU F 141 -23.88 -35.07 32.69
CA LEU F 141 -24.88 -35.64 33.62
C LEU F 141 -25.65 -36.82 33.02
N GLN F 142 -25.82 -36.83 31.70
CA GLN F 142 -26.49 -37.94 31.00
C GLN F 142 -25.61 -39.19 30.82
N CYS F 143 -24.31 -39.10 31.09
CA CYS F 143 -23.41 -40.27 31.10
C CYS F 143 -23.47 -40.97 32.46
N PRO F 144 -23.20 -42.30 32.49
CA PRO F 144 -23.21 -43.06 33.73
C PRO F 144 -21.96 -42.84 34.59
N LEU F 145 -22.03 -43.29 35.85
CA LEU F 145 -20.92 -43.26 36.81
C LEU F 145 -20.38 -44.66 37.21
N ASP F 146 -20.93 -45.75 36.63
CA ASP F 146 -20.50 -47.13 36.90
C ASP F 146 -19.96 -47.85 35.65
#